data_2QUH
#
_entry.id   2QUH
#
_cell.length_a   79.9
_cell.length_b   79.9
_cell.length_c   382.3
_cell.angle_alpha   90.0
_cell.angle_beta   90.0
_cell.angle_gamma   90.0
#
_symmetry.space_group_name_H-M   'P 43 21 2'
#
loop_
_entity.id
_entity.type
_entity.pdbx_description
1 polymer 'Tryptophanyl-tRNA synthetase'
2 non-polymer TRYPTOPHAN
3 water water
#
_entity_poly.entity_id   1
_entity_poly.type   'polypeptide(L)'
_entity_poly.pdbx_seq_one_letter_code
;MPNSEPASLLELFNSIATQGELVRSLKAGNASKDEIDSAVKMLVSLKMSYKAAAGEDYKADCPPGNPAPTSNHGPDATEA
EEDFVDPWTVQTSSAKGIDYDKLIVRFGSSKIDKELINRIERATGQRPHHFLRRGIFFSHRDMNQVLDAYENKKPFYLYT
GRGPSSEAMHVGHLIPFIFTKWLQDVFNVPLVIQMTDDEKYLWKDLTLDQAYSYAVENAKDIIACGFDINKTFIFSDLDY
MGMSSGFYKNVVKIQKHVTFNQVKGIFGFTDSDCIGKISFPAIQAAPSFSNSFPQIFRDRTDIQCLIPCAIDQDPYFRMT
RDVAPRIGYPKPALLHSTFFPALQGAQTKMSASDPNSSIFLTDTAKQIKTKVNKHAFSGGRDTIEEHRQFGGNCDVDVSF
MYLTFFLEDDDKLEQIRKDYTSGAMLTGELKKALIEVLQPLIAEHQARRKEVTDEIVKEFMTPRKLSFDFQHHHHHH
;
_entity_poly.pdbx_strand_id   A,B
#
# COMPACT_ATOMS: atom_id res chain seq x y z
N GLY A 97 10.20 4.37 -37.90
CA GLY A 97 9.69 4.12 -36.50
C GLY A 97 8.25 3.64 -36.39
N ILE A 98 7.50 4.18 -35.43
CA ILE A 98 6.11 3.79 -35.24
C ILE A 98 5.16 4.88 -35.73
N ASP A 99 4.04 4.47 -36.33
CA ASP A 99 3.06 5.44 -36.80
C ASP A 99 2.27 5.93 -35.61
N TYR A 100 2.58 7.15 -35.16
CA TYR A 100 1.91 7.72 -33.99
C TYR A 100 0.48 8.19 -34.25
N ASP A 101 0.07 8.22 -35.51
CA ASP A 101 -1.29 8.63 -35.82
C ASP A 101 -2.25 7.48 -35.53
N LYS A 102 -1.80 6.26 -35.83
CA LYS A 102 -2.60 5.06 -35.57
C LYS A 102 -2.59 4.78 -34.07
N LEU A 103 -1.57 5.32 -33.40
CA LEU A 103 -1.45 5.14 -31.96
C LEU A 103 -2.48 6.05 -31.30
N ILE A 104 -2.59 7.28 -31.79
CA ILE A 104 -3.53 8.24 -31.24
C ILE A 104 -4.96 7.72 -31.31
N VAL A 105 -5.30 7.09 -32.41
CA VAL A 105 -6.65 6.56 -32.58
C VAL A 105 -6.85 5.36 -31.66
N ARG A 106 -5.89 4.43 -31.65
CA ARG A 106 -6.00 3.26 -30.79
C ARG A 106 -6.18 3.68 -29.35
N PHE A 107 -5.28 4.55 -28.89
CA PHE A 107 -5.30 5.05 -27.52
C PHE A 107 -6.47 6.01 -27.25
N GLY A 108 -7.14 6.44 -28.31
CA GLY A 108 -8.28 7.33 -28.17
C GLY A 108 -7.96 8.72 -27.65
N SER A 109 -6.71 9.16 -27.80
CA SER A 109 -6.31 10.48 -27.35
C SER A 109 -6.51 11.50 -28.46
N SER A 110 -6.02 12.72 -28.26
CA SER A 110 -6.18 13.78 -29.24
C SER A 110 -4.84 14.26 -29.79
N LYS A 111 -4.81 14.54 -31.08
CA LYS A 111 -3.60 15.02 -31.72
C LYS A 111 -3.37 16.50 -31.42
N ILE A 112 -2.12 16.85 -31.17
CA ILE A 112 -1.77 18.24 -30.90
C ILE A 112 -1.65 18.90 -32.26
N ASP A 113 -2.57 19.80 -32.59
CA ASP A 113 -2.52 20.50 -33.88
C ASP A 113 -1.97 21.91 -33.73
N LYS A 114 -2.09 22.71 -34.77
CA LYS A 114 -1.59 24.09 -34.73
C LYS A 114 -2.41 24.99 -33.81
N GLU A 115 -3.73 24.82 -33.83
CA GLU A 115 -4.59 25.62 -32.97
C GLU A 115 -4.06 25.53 -31.56
N LEU A 116 -3.97 24.30 -31.05
CA LEU A 116 -3.49 24.06 -29.70
C LEU A 116 -2.14 24.70 -29.43
N ILE A 117 -1.22 24.60 -30.39
CA ILE A 117 0.11 25.18 -30.22
C ILE A 117 0.06 26.71 -30.21
N ASN A 118 -0.81 27.28 -31.02
CA ASN A 118 -0.94 28.72 -31.07
C ASN A 118 -1.53 29.22 -29.77
N ARG A 119 -2.50 28.46 -29.27
CA ARG A 119 -3.16 28.77 -28.02
C ARG A 119 -2.14 28.77 -26.89
N ILE A 120 -1.29 27.75 -26.86
CA ILE A 120 -0.26 27.66 -25.83
C ILE A 120 0.65 28.87 -25.94
N GLU A 121 0.95 29.29 -27.16
CA GLU A 121 1.81 30.45 -27.34
C GLU A 121 1.16 31.69 -26.74
N ARG A 122 -0.11 31.93 -27.11
CA ARG A 122 -0.85 33.07 -26.59
C ARG A 122 -0.94 33.06 -25.05
N ALA A 123 -1.22 31.88 -24.47
CA ALA A 123 -1.36 31.77 -23.04
C ALA A 123 -0.07 31.94 -22.27
N THR A 124 1.05 31.67 -22.91
CA THR A 124 2.32 31.76 -22.22
C THR A 124 3.15 32.98 -22.58
N GLY A 125 2.83 33.59 -23.72
CA GLY A 125 3.58 34.75 -24.16
C GLY A 125 4.98 34.35 -24.58
N GLN A 126 5.17 33.06 -24.78
CA GLN A 126 6.46 32.51 -25.18
C GLN A 126 6.31 31.74 -26.49
N ARG A 127 7.42 31.50 -27.17
CA ARG A 127 7.36 30.74 -28.40
C ARG A 127 7.29 29.29 -27.96
N PRO A 128 6.31 28.54 -28.46
CA PRO A 128 6.20 27.13 -28.07
C PRO A 128 7.48 26.32 -28.29
N HIS A 129 7.81 25.51 -27.28
CA HIS A 129 9.01 24.67 -27.27
C HIS A 129 9.12 23.84 -28.55
N HIS A 130 10.36 23.65 -29.04
CA HIS A 130 10.54 22.88 -30.26
C HIS A 130 9.95 21.47 -30.24
N PHE A 131 9.88 20.82 -29.07
CA PHE A 131 9.29 19.48 -29.06
C PHE A 131 7.88 19.62 -29.58
N LEU A 132 7.24 20.74 -29.25
CA LEU A 132 5.88 21.03 -29.70
C LEU A 132 5.83 21.38 -31.19
N ARG A 133 6.77 22.22 -31.61
CA ARG A 133 6.81 22.65 -33.02
C ARG A 133 7.14 21.48 -33.95
N ARG A 134 7.93 20.53 -33.45
CA ARG A 134 8.35 19.40 -34.27
C ARG A 134 7.62 18.08 -34.06
N GLY A 135 6.50 18.09 -33.34
CA GLY A 135 5.75 16.88 -33.13
C GLY A 135 6.35 15.83 -32.22
N ILE A 136 7.33 16.22 -31.39
CA ILE A 136 7.93 15.26 -30.47
C ILE A 136 6.90 15.03 -29.37
N PHE A 137 6.23 16.09 -28.94
CA PHE A 137 5.14 15.94 -27.98
C PHE A 137 3.96 16.13 -28.92
N PHE A 138 3.42 15.01 -29.40
CA PHE A 138 2.36 15.00 -30.39
C PHE A 138 0.91 14.79 -29.94
N SER A 139 0.71 14.13 -28.82
CA SER A 139 -0.64 13.84 -28.37
C SER A 139 -0.97 14.42 -27.02
N HIS A 140 -2.26 14.51 -26.71
CA HIS A 140 -2.67 15.03 -25.42
C HIS A 140 -4.07 14.56 -25.05
N ARG A 141 -4.52 14.96 -23.87
CA ARG A 141 -5.86 14.66 -23.37
C ARG A 141 -6.26 15.86 -22.49
N ASP A 142 -7.33 16.56 -22.88
CA ASP A 142 -7.82 17.69 -22.10
C ASP A 142 -6.90 18.92 -22.01
N MET A 143 -5.84 18.97 -22.82
CA MET A 143 -4.94 20.14 -22.74
C MET A 143 -5.72 21.44 -22.85
N ASN A 144 -6.89 21.38 -23.50
CA ASN A 144 -7.70 22.57 -23.64
C ASN A 144 -8.29 22.98 -22.29
N GLN A 145 -8.68 22.00 -21.47
CA GLN A 145 -9.24 22.30 -20.14
C GLN A 145 -8.18 23.08 -19.38
N VAL A 146 -6.95 22.57 -19.38
CA VAL A 146 -5.84 23.20 -18.69
C VAL A 146 -5.69 24.64 -19.13
N LEU A 147 -5.78 24.87 -20.43
CA LEU A 147 -5.65 26.22 -20.97
C LEU A 147 -6.84 27.08 -20.56
N ASP A 148 -8.06 26.54 -20.64
CA ASP A 148 -9.22 27.32 -20.23
C ASP A 148 -8.97 27.78 -18.80
N ALA A 149 -8.52 26.87 -17.96
CA ALA A 149 -8.26 27.18 -16.56
C ALA A 149 -7.23 28.26 -16.39
N TYR A 150 -6.07 28.06 -17.02
CA TYR A 150 -4.99 29.03 -16.93
C TYR A 150 -5.43 30.42 -17.40
N GLU A 151 -6.21 30.44 -18.48
CA GLU A 151 -6.71 31.71 -19.04
C GLU A 151 -7.67 32.39 -18.06
N ASN A 152 -8.50 31.59 -17.39
CA ASN A 152 -9.46 32.12 -16.42
C ASN A 152 -8.81 32.30 -15.06
N LYS A 153 -7.49 32.20 -15.05
CA LYS A 153 -6.67 32.38 -13.86
C LYS A 153 -6.82 31.32 -12.75
N LYS A 154 -7.39 30.16 -13.08
CA LYS A 154 -7.51 29.09 -12.09
C LYS A 154 -6.12 28.46 -12.05
N PRO A 155 -5.79 27.71 -10.98
CA PRO A 155 -4.46 27.11 -10.94
C PRO A 155 -4.41 25.69 -11.47
N PHE A 156 -3.20 25.20 -11.70
CA PHE A 156 -3.02 23.83 -12.15
C PHE A 156 -1.59 23.44 -11.82
N TYR A 157 -1.32 22.14 -11.72
CA TYR A 157 0.05 21.73 -11.41
C TYR A 157 0.52 20.63 -12.35
N LEU A 158 1.83 20.43 -12.34
CA LEU A 158 2.47 19.41 -13.17
C LEU A 158 2.89 18.18 -12.39
N TYR A 159 2.73 17.03 -13.03
CA TYR A 159 3.09 15.77 -12.43
C TYR A 159 3.75 14.85 -13.47
N THR A 160 4.96 14.42 -13.18
CA THR A 160 5.68 13.48 -14.04
C THR A 160 6.50 12.60 -13.10
N GLY A 161 7.16 11.59 -13.63
CA GLY A 161 7.94 10.72 -12.76
C GLY A 161 9.09 10.00 -13.41
N ARG A 162 9.81 9.23 -12.61
CA ARG A 162 10.95 8.46 -13.09
C ARG A 162 11.08 7.11 -12.40
N GLY A 163 11.20 6.04 -13.20
CA GLY A 163 11.37 4.71 -12.65
C GLY A 163 12.87 4.46 -12.52
N PRO A 164 13.45 4.61 -11.32
CA PRO A 164 14.89 4.42 -11.04
C PRO A 164 15.38 2.99 -11.22
N SER A 165 15.30 2.47 -12.45
CA SER A 165 15.73 1.11 -12.76
C SER A 165 17.23 0.92 -12.59
N SER A 166 17.97 1.99 -12.84
CA SER A 166 19.42 1.97 -12.75
C SER A 166 19.96 3.35 -12.43
N GLU A 167 21.25 3.41 -12.15
CA GLU A 167 21.92 4.66 -11.84
C GLU A 167 22.30 5.25 -13.18
N ALA A 168 22.18 4.43 -14.22
CA ALA A 168 22.53 4.80 -15.58
C ALA A 168 21.39 5.44 -16.38
N MET A 169 21.43 6.76 -16.51
CA MET A 169 20.42 7.45 -17.29
C MET A 169 20.96 7.91 -18.63
N HIS A 170 20.13 7.80 -19.66
CA HIS A 170 20.57 8.21 -20.98
C HIS A 170 19.78 9.39 -21.50
N VAL A 171 20.31 9.96 -22.57
CA VAL A 171 19.73 11.12 -23.22
C VAL A 171 18.22 11.03 -23.46
N GLY A 172 17.71 9.84 -23.70
CA GLY A 172 16.28 9.70 -23.93
C GLY A 172 15.42 9.92 -22.69
N HIS A 173 16.00 9.63 -21.52
CA HIS A 173 15.28 9.82 -20.25
C HIS A 173 15.04 11.30 -19.94
N LEU A 174 15.88 12.19 -20.45
CA LEU A 174 15.72 13.61 -20.19
C LEU A 174 14.58 14.26 -20.95
N ILE A 175 14.17 13.67 -22.07
CA ILE A 175 13.14 14.31 -22.89
C ILE A 175 11.95 14.89 -22.13
N PRO A 176 11.19 14.04 -21.41
CA PRO A 176 10.04 14.55 -20.66
C PRO A 176 10.41 15.57 -19.60
N PHE A 177 11.62 15.47 -19.05
CA PHE A 177 12.03 16.40 -18.02
C PHE A 177 12.39 17.74 -18.60
N ILE A 178 13.08 17.74 -19.74
CA ILE A 178 13.45 18.98 -20.40
C ILE A 178 12.16 19.75 -20.71
N PHE A 179 11.18 19.02 -21.24
CA PHE A 179 9.88 19.60 -21.60
C PHE A 179 9.14 20.10 -20.36
N THR A 180 9.11 19.27 -19.32
CA THR A 180 8.42 19.64 -18.10
C THR A 180 9.00 20.90 -17.46
N LYS A 181 10.32 21.02 -17.49
CA LYS A 181 11.01 22.17 -16.93
C LYS A 181 10.57 23.40 -17.72
N TRP A 182 10.39 23.21 -19.03
CA TRP A 182 9.94 24.30 -19.88
C TRP A 182 8.54 24.72 -19.47
N LEU A 183 7.63 23.75 -19.35
CA LEU A 183 6.25 24.03 -18.96
C LEU A 183 6.18 24.76 -17.61
N GLN A 184 7.08 24.40 -16.70
CA GLN A 184 7.12 25.03 -15.39
C GLN A 184 7.50 26.51 -15.51
N ASP A 185 8.55 26.80 -16.27
CA ASP A 185 8.98 28.19 -16.46
C ASP A 185 7.92 29.00 -17.18
N VAL A 186 7.47 28.46 -18.30
CA VAL A 186 6.48 29.10 -19.17
C VAL A 186 5.11 29.38 -18.54
N PHE A 187 4.57 28.43 -17.78
CA PHE A 187 3.27 28.64 -17.15
C PHE A 187 3.43 29.13 -15.72
N ASN A 188 4.58 28.82 -15.11
CA ASN A 188 4.88 29.18 -13.72
C ASN A 188 3.95 28.44 -12.76
N VAL A 189 4.12 27.13 -12.67
CA VAL A 189 3.26 26.32 -11.83
C VAL A 189 4.07 25.34 -10.99
N PRO A 190 3.50 24.87 -9.86
CA PRO A 190 4.20 23.91 -8.98
C PRO A 190 4.31 22.55 -9.67
N LEU A 191 5.39 21.84 -9.38
CA LEU A 191 5.63 20.54 -9.99
C LEU A 191 5.92 19.44 -8.99
N VAL A 192 5.38 18.26 -9.28
CA VAL A 192 5.53 17.10 -8.44
C VAL A 192 6.15 15.99 -9.29
N ILE A 193 7.29 15.45 -8.85
CA ILE A 193 7.97 14.39 -9.61
C ILE A 193 8.10 13.13 -8.79
N GLN A 194 7.45 12.07 -9.24
CA GLN A 194 7.45 10.79 -8.55
C GLN A 194 8.60 9.85 -8.91
N MET A 195 9.36 9.44 -7.90
CA MET A 195 10.46 8.50 -8.08
C MET A 195 9.92 7.16 -7.59
N THR A 196 9.59 6.27 -8.53
CA THR A 196 9.03 4.98 -8.17
C THR A 196 10.02 3.88 -7.78
N ASP A 197 10.72 4.05 -6.65
CA ASP A 197 11.65 3.03 -6.22
C ASP A 197 10.89 1.76 -5.87
N ASP A 198 9.71 1.92 -5.30
CA ASP A 198 8.93 0.75 -4.94
C ASP A 198 8.57 -0.06 -6.18
N GLU A 199 8.28 0.62 -7.29
CA GLU A 199 7.95 -0.09 -8.52
C GLU A 199 9.13 -0.93 -9.01
N LYS A 200 10.32 -0.33 -8.98
CA LYS A 200 11.51 -1.03 -9.44
C LYS A 200 11.84 -2.17 -8.50
N TYR A 201 11.68 -1.94 -7.21
CA TYR A 201 11.95 -3.01 -6.25
C TYR A 201 11.04 -4.18 -6.56
N LEU A 202 9.78 -3.87 -6.89
CA LEU A 202 8.81 -4.91 -7.20
C LEU A 202 9.15 -5.62 -8.49
N TRP A 203 9.52 -4.86 -9.51
CA TRP A 203 9.83 -5.43 -10.81
C TRP A 203 11.24 -5.92 -11.05
N LYS A 204 12.21 -5.41 -10.31
CA LYS A 204 13.58 -5.83 -10.54
C LYS A 204 14.29 -6.51 -9.40
N ASP A 205 15.39 -7.17 -9.73
CA ASP A 205 16.18 -7.91 -8.77
C ASP A 205 17.05 -6.92 -8.00
N LEU A 206 16.42 -6.08 -7.21
CA LEU A 206 17.13 -5.08 -6.41
C LEU A 206 16.66 -5.16 -4.97
N THR A 207 17.39 -4.53 -4.07
CA THR A 207 17.00 -4.53 -2.66
C THR A 207 16.37 -3.17 -2.39
N LEU A 208 15.46 -3.10 -1.43
CA LEU A 208 14.82 -1.83 -1.11
C LEU A 208 15.82 -0.70 -1.09
N ASP A 209 16.96 -0.92 -0.44
CA ASP A 209 17.99 0.11 -0.34
C ASP A 209 18.49 0.56 -1.70
N GLN A 210 18.76 -0.40 -2.59
CA GLN A 210 19.25 -0.08 -3.91
C GLN A 210 18.23 0.77 -4.65
N ALA A 211 17.02 0.24 -4.81
CA ALA A 211 15.98 0.97 -5.49
C ALA A 211 15.93 2.41 -4.96
N TYR A 212 15.89 2.56 -3.64
CA TYR A 212 15.85 3.88 -3.04
C TYR A 212 17.06 4.73 -3.43
N SER A 213 18.25 4.16 -3.28
CA SER A 213 19.47 4.88 -3.63
C SER A 213 19.45 5.33 -5.09
N TYR A 214 18.96 4.46 -5.98
CA TYR A 214 18.88 4.81 -7.39
C TYR A 214 18.00 6.02 -7.56
N ALA A 215 16.94 6.09 -6.75
CA ALA A 215 15.99 7.19 -6.81
C ALA A 215 16.67 8.49 -6.43
N VAL A 216 17.55 8.44 -5.45
CA VAL A 216 18.26 9.64 -5.01
C VAL A 216 19.25 10.08 -6.08
N GLU A 217 19.97 9.12 -6.67
CA GLU A 217 20.93 9.46 -7.70
C GLU A 217 20.22 10.05 -8.91
N ASN A 218 19.23 9.34 -9.43
CA ASN A 218 18.47 9.82 -10.58
C ASN A 218 17.92 11.22 -10.30
N ALA A 219 17.57 11.46 -9.04
CA ALA A 219 17.02 12.75 -8.63
C ALA A 219 18.04 13.85 -8.91
N LYS A 220 19.33 13.53 -8.81
CA LYS A 220 20.36 14.51 -9.08
C LYS A 220 20.32 14.97 -10.53
N ASP A 221 20.24 14.01 -11.45
CA ASP A 221 20.17 14.34 -12.86
C ASP A 221 18.91 15.12 -13.18
N ILE A 222 17.81 14.75 -12.53
CA ILE A 222 16.54 15.43 -12.75
C ILE A 222 16.66 16.89 -12.29
N ILE A 223 17.28 17.11 -11.14
CA ILE A 223 17.47 18.46 -10.62
C ILE A 223 18.39 19.23 -11.56
N ALA A 224 19.35 18.53 -12.17
CA ALA A 224 20.31 19.13 -13.09
C ALA A 224 19.62 19.74 -14.31
N CYS A 225 18.39 19.36 -14.57
CA CYS A 225 17.70 19.93 -15.70
C CYS A 225 17.28 21.36 -15.35
N GLY A 226 17.60 21.76 -14.13
CA GLY A 226 17.31 23.13 -13.70
C GLY A 226 15.95 23.50 -13.13
N PHE A 227 15.25 22.57 -12.50
CA PHE A 227 13.93 22.89 -11.92
C PHE A 227 14.05 23.87 -10.76
N ASP A 228 13.07 24.76 -10.61
CA ASP A 228 13.09 25.73 -9.52
C ASP A 228 12.81 25.01 -8.19
N ILE A 229 13.75 25.10 -7.25
CA ILE A 229 13.59 24.41 -5.97
C ILE A 229 12.44 24.93 -5.11
N ASN A 230 11.88 26.07 -5.50
CA ASN A 230 10.76 26.63 -4.74
C ASN A 230 9.47 26.19 -5.37
N LYS A 231 9.56 25.56 -6.52
CA LYS A 231 8.36 25.15 -7.24
C LYS A 231 8.28 23.66 -7.52
N THR A 232 9.23 22.87 -7.05
CA THR A 232 9.13 21.46 -7.33
C THR A 232 9.50 20.54 -6.17
N PHE A 233 8.67 19.52 -6.01
CA PHE A 233 8.82 18.51 -4.98
C PHE A 233 9.11 17.16 -5.64
N ILE A 234 10.28 16.61 -5.37
CA ILE A 234 10.65 15.32 -5.92
C ILE A 234 10.57 14.34 -4.76
N PHE A 235 9.85 13.25 -4.95
CA PHE A 235 9.71 12.31 -3.86
C PHE A 235 9.93 10.85 -4.22
N SER A 236 10.35 10.09 -3.22
CA SER A 236 10.56 8.66 -3.35
C SER A 236 9.27 8.07 -2.82
N ASP A 237 8.72 7.09 -3.51
CA ASP A 237 7.49 6.46 -3.02
C ASP A 237 7.76 5.88 -1.63
N LEU A 238 8.83 5.09 -1.52
CA LEU A 238 9.21 4.46 -0.27
C LEU A 238 9.25 5.42 0.93
N ASP A 239 9.73 6.64 0.71
CA ASP A 239 9.80 7.62 1.78
C ASP A 239 8.47 8.33 2.01
N TYR A 240 7.97 8.96 0.96
CA TYR A 240 6.74 9.71 1.04
C TYR A 240 5.53 8.92 1.54
N MET A 241 5.34 7.72 1.03
CA MET A 241 4.21 6.89 1.46
C MET A 241 4.21 6.84 2.98
N GLY A 242 5.41 6.78 3.54
CA GLY A 242 5.57 6.69 4.99
C GLY A 242 5.52 7.97 5.78
N MET A 243 5.31 9.11 5.13
CA MET A 243 5.24 10.35 5.87
C MET A 243 4.16 11.31 5.36
N SER A 244 3.28 10.81 4.51
CA SER A 244 2.22 11.64 3.98
C SER A 244 0.86 11.28 4.56
N SER A 245 0.13 12.30 4.96
CA SER A 245 -1.20 12.16 5.55
C SER A 245 -2.29 12.04 4.47
N GLY A 246 -1.89 12.16 3.22
CA GLY A 246 -2.86 12.08 2.14
C GLY A 246 -2.51 11.14 1.02
N PHE A 247 -1.23 10.81 0.87
CA PHE A 247 -0.83 9.92 -0.21
C PHE A 247 -1.45 8.52 -0.12
N TYR A 248 -1.20 7.82 0.98
CA TYR A 248 -1.76 6.47 1.14
C TYR A 248 -3.28 6.46 1.07
N LYS A 249 -3.92 7.45 1.69
CA LYS A 249 -5.37 7.51 1.68
C LYS A 249 -5.88 7.55 0.25
N ASN A 250 -5.20 8.27 -0.64
CA ASN A 250 -5.64 8.30 -2.03
C ASN A 250 -5.36 6.97 -2.74
N VAL A 251 -4.25 6.34 -2.40
CA VAL A 251 -3.92 5.04 -3.00
C VAL A 251 -5.05 4.06 -2.68
N VAL A 252 -5.44 3.98 -1.42
CA VAL A 252 -6.52 3.09 -1.00
C VAL A 252 -7.83 3.40 -1.71
N LYS A 253 -8.18 4.69 -1.82
CA LYS A 253 -9.41 5.04 -2.51
C LYS A 253 -9.33 4.50 -3.93
N ILE A 254 -8.20 4.71 -4.59
CA ILE A 254 -8.03 4.22 -5.96
C ILE A 254 -8.06 2.70 -6.02
N GLN A 255 -7.38 2.06 -5.07
CA GLN A 255 -7.35 0.60 -5.03
C GLN A 255 -8.74 -0.02 -4.94
N LYS A 256 -9.68 0.69 -4.33
CA LYS A 256 -11.02 0.15 -4.17
C LYS A 256 -11.82 0.22 -5.46
N HIS A 257 -11.38 1.03 -6.41
CA HIS A 257 -12.10 1.19 -7.66
C HIS A 257 -11.41 0.66 -8.92
N VAL A 258 -10.56 -0.35 -8.76
CA VAL A 258 -9.87 -0.96 -9.89
C VAL A 258 -9.74 -2.45 -9.59
N THR A 259 -10.34 -3.28 -10.44
CA THR A 259 -10.31 -4.73 -10.25
C THR A 259 -9.11 -5.36 -10.93
N PHE A 260 -8.76 -6.58 -10.51
CA PHE A 260 -7.63 -7.26 -11.12
C PHE A 260 -7.87 -7.44 -12.60
N ASN A 261 -9.12 -7.73 -12.99
CA ASN A 261 -9.44 -7.90 -14.40
C ASN A 261 -9.04 -6.63 -15.12
N GLN A 262 -9.46 -5.49 -14.57
CA GLN A 262 -9.13 -4.20 -15.18
C GLN A 262 -7.64 -4.06 -15.47
N VAL A 263 -6.80 -4.19 -14.45
CA VAL A 263 -5.37 -4.05 -14.68
C VAL A 263 -4.81 -5.20 -15.49
N LYS A 264 -5.51 -6.33 -15.50
CA LYS A 264 -5.01 -7.46 -16.28
C LYS A 264 -5.06 -7.09 -17.75
N GLY A 265 -6.19 -6.53 -18.17
CA GLY A 265 -6.36 -6.13 -19.55
C GLY A 265 -5.60 -4.89 -19.96
N ILE A 266 -5.26 -4.05 -19.00
CA ILE A 266 -4.53 -2.83 -19.28
C ILE A 266 -3.02 -3.00 -19.28
N PHE A 267 -2.48 -3.65 -18.26
CA PHE A 267 -1.03 -3.84 -18.16
C PHE A 267 -0.58 -5.25 -18.48
N GLY A 268 -1.55 -6.14 -18.67
CA GLY A 268 -1.24 -7.51 -19.00
C GLY A 268 -0.70 -8.37 -17.86
N PHE A 269 -1.12 -8.09 -16.64
CA PHE A 269 -0.66 -8.87 -15.50
C PHE A 269 -1.28 -10.27 -15.56
N THR A 270 -0.73 -11.18 -14.77
CA THR A 270 -1.22 -12.56 -14.74
C THR A 270 -1.29 -13.07 -13.29
N ASP A 271 -2.05 -14.13 -13.09
CA ASP A 271 -2.21 -14.75 -11.78
C ASP A 271 -0.87 -15.06 -11.14
N SER A 272 0.18 -15.06 -11.95
CA SER A 272 1.52 -15.38 -11.46
C SER A 272 2.33 -14.22 -10.88
N ASP A 273 1.95 -12.99 -11.18
CA ASP A 273 2.67 -11.83 -10.68
C ASP A 273 2.47 -11.65 -9.16
N CYS A 274 3.38 -10.94 -8.51
CA CYS A 274 3.23 -10.72 -7.08
C CYS A 274 2.12 -9.69 -6.85
N ILE A 275 1.55 -9.69 -5.65
CA ILE A 275 0.45 -8.78 -5.35
C ILE A 275 0.86 -7.31 -5.33
N GLY A 276 2.15 -7.07 -5.18
CA GLY A 276 2.64 -5.70 -5.20
C GLY A 276 2.45 -5.09 -6.57
N LYS A 277 2.72 -5.87 -7.61
CA LYS A 277 2.58 -5.41 -8.97
C LYS A 277 1.11 -5.18 -9.33
N ILE A 278 0.26 -6.09 -8.88
CA ILE A 278 -1.16 -6.01 -9.18
C ILE A 278 -1.75 -4.69 -8.72
N SER A 279 -1.22 -4.14 -7.63
CA SER A 279 -1.76 -2.89 -7.12
C SER A 279 -0.90 -1.65 -7.32
N PHE A 280 0.29 -1.78 -7.89
CA PHE A 280 1.14 -0.61 -8.09
C PHE A 280 0.47 0.48 -8.92
N PRO A 281 -0.26 0.11 -9.99
CA PRO A 281 -0.94 1.10 -10.82
C PRO A 281 -1.65 2.20 -10.04
N ALA A 282 -2.14 1.85 -8.85
CA ALA A 282 -2.85 2.83 -8.03
C ALA A 282 -1.86 3.87 -7.48
N ILE A 283 -0.63 3.44 -7.22
CA ILE A 283 0.40 4.32 -6.69
C ILE A 283 0.87 5.34 -7.75
N GLN A 284 0.98 4.91 -9.01
CA GLN A 284 1.39 5.84 -10.05
C GLN A 284 0.24 6.79 -10.31
N ALA A 285 -0.96 6.38 -9.93
CA ALA A 285 -2.15 7.20 -10.14
C ALA A 285 -2.37 8.29 -9.09
N ALA A 286 -2.13 7.94 -7.83
CA ALA A 286 -2.34 8.85 -6.70
C ALA A 286 -1.87 10.30 -6.83
N PRO A 287 -0.63 10.51 -7.30
CA PRO A 287 -0.21 11.91 -7.40
C PRO A 287 -0.96 12.76 -8.44
N SER A 288 -2.01 12.21 -9.02
CA SER A 288 -2.79 12.95 -10.01
C SER A 288 -3.80 13.83 -9.30
N PHE A 289 -3.96 13.59 -8.00
CA PHE A 289 -4.92 14.33 -7.20
C PHE A 289 -4.21 15.15 -6.14
N SER A 290 -4.41 16.45 -6.22
CA SER A 290 -3.79 17.43 -5.32
C SER A 290 -3.80 17.13 -3.83
N ASN A 291 -4.87 16.56 -3.29
CA ASN A 291 -4.87 16.31 -1.85
C ASN A 291 -3.95 15.15 -1.44
N SER A 292 -3.04 14.79 -2.35
CA SER A 292 -2.03 13.76 -2.11
C SER A 292 -0.79 14.55 -1.64
N PHE A 293 -0.87 15.86 -1.83
CA PHE A 293 0.19 16.78 -1.45
C PHE A 293 -0.42 17.91 -0.62
N PRO A 294 -1.03 17.54 0.52
CA PRO A 294 -1.67 18.46 1.47
C PRO A 294 -0.76 19.62 1.80
N GLN A 295 0.51 19.32 2.03
CA GLN A 295 1.47 20.34 2.40
C GLN A 295 1.63 21.39 1.31
N ILE A 296 1.58 20.98 0.04
CA ILE A 296 1.75 21.96 -1.03
C ILE A 296 0.45 22.64 -1.51
N PHE A 297 -0.68 21.94 -1.53
CA PHE A 297 -1.94 22.55 -1.99
C PHE A 297 -2.98 22.85 -0.92
N ARG A 298 -2.54 22.86 0.33
CA ARG A 298 -3.40 23.14 1.47
C ARG A 298 -4.75 22.38 1.47
N ASP A 299 -4.70 21.06 1.25
CA ASP A 299 -5.90 20.23 1.26
C ASP A 299 -6.95 20.44 0.18
N ARG A 300 -6.58 21.13 -0.90
CA ARG A 300 -7.50 21.35 -2.01
C ARG A 300 -7.58 20.03 -2.80
N THR A 301 -8.75 19.72 -3.35
CA THR A 301 -8.94 18.50 -4.12
C THR A 301 -9.38 18.80 -5.55
N ASP A 302 -9.59 20.08 -5.86
CA ASP A 302 -10.06 20.51 -7.16
C ASP A 302 -9.00 21.11 -8.08
N ILE A 303 -7.74 20.95 -7.73
CA ILE A 303 -6.70 21.54 -8.54
C ILE A 303 -6.33 20.73 -9.78
N GLN A 304 -6.56 21.33 -10.95
CA GLN A 304 -6.26 20.72 -12.25
C GLN A 304 -4.83 20.17 -12.32
N CYS A 305 -4.67 18.95 -12.81
CA CYS A 305 -3.35 18.35 -12.91
C CYS A 305 -2.94 18.09 -14.35
N LEU A 306 -1.70 18.43 -14.69
CA LEU A 306 -1.20 18.19 -16.04
C LEU A 306 -0.03 17.22 -15.99
N ILE A 307 -0.15 16.11 -16.70
CA ILE A 307 0.88 15.08 -16.72
C ILE A 307 1.61 14.91 -18.06
N PRO A 308 2.84 15.42 -18.18
CA PRO A 308 3.56 15.26 -19.45
C PRO A 308 4.34 13.94 -19.37
N CYS A 309 4.18 13.10 -20.37
CA CYS A 309 4.88 11.81 -20.33
C CYS A 309 5.05 11.15 -21.68
N ALA A 310 5.85 10.09 -21.70
CA ALA A 310 6.10 9.31 -22.90
C ALA A 310 4.79 8.54 -23.14
N ILE A 311 4.37 8.49 -24.39
CA ILE A 311 3.11 7.83 -24.75
C ILE A 311 2.89 6.45 -24.13
N ASP A 312 3.96 5.77 -23.74
CA ASP A 312 3.80 4.44 -23.16
C ASP A 312 3.36 4.46 -21.69
N GLN A 313 3.23 5.64 -21.10
CA GLN A 313 2.77 5.72 -19.71
C GLN A 313 1.28 5.97 -19.70
N ASP A 314 0.72 6.32 -20.85
CA ASP A 314 -0.70 6.60 -20.96
C ASP A 314 -1.63 5.61 -20.25
N PRO A 315 -1.43 4.29 -20.45
CA PRO A 315 -2.31 3.33 -19.79
C PRO A 315 -2.53 3.62 -18.29
N TYR A 316 -1.45 3.92 -17.57
CA TYR A 316 -1.62 4.24 -16.15
C TYR A 316 -2.63 5.36 -15.98
N PHE A 317 -2.59 6.35 -16.87
CA PHE A 317 -3.48 7.47 -16.74
C PHE A 317 -4.85 7.38 -17.40
N ARG A 318 -5.03 6.40 -18.29
CA ARG A 318 -6.34 6.22 -18.88
C ARG A 318 -7.14 5.69 -17.69
N MET A 319 -6.48 4.81 -16.93
CA MET A 319 -7.05 4.20 -15.73
C MET A 319 -7.37 5.28 -14.71
N THR A 320 -6.39 6.13 -14.43
CA THR A 320 -6.58 7.20 -13.47
C THR A 320 -7.75 8.10 -13.83
N ARG A 321 -7.83 8.49 -15.10
CA ARG A 321 -8.93 9.34 -15.57
C ARG A 321 -10.27 8.64 -15.38
N ASP A 322 -10.27 7.33 -15.56
CA ASP A 322 -11.48 6.53 -15.42
C ASP A 322 -12.02 6.57 -14.00
N VAL A 323 -11.15 6.38 -13.01
CA VAL A 323 -11.57 6.38 -11.61
C VAL A 323 -11.79 7.75 -10.98
N ALA A 324 -11.03 8.75 -11.44
CA ALA A 324 -11.14 10.10 -10.90
C ALA A 324 -12.58 10.51 -10.50
N PRO A 325 -13.54 10.40 -11.44
CA PRO A 325 -14.92 10.76 -11.13
C PRO A 325 -15.50 9.90 -10.02
N ARG A 326 -15.24 8.60 -10.11
CA ARG A 326 -15.75 7.66 -9.12
C ARG A 326 -15.31 7.97 -7.69
N ILE A 327 -14.27 8.78 -7.51
CA ILE A 327 -13.83 9.13 -6.17
C ILE A 327 -13.82 10.63 -5.96
N GLY A 328 -14.68 11.31 -6.72
CA GLY A 328 -14.83 12.75 -6.61
C GLY A 328 -13.68 13.66 -6.97
N TYR A 329 -12.75 13.18 -7.78
CA TYR A 329 -11.62 14.02 -8.16
C TYR A 329 -11.66 14.30 -9.64
N PRO A 330 -11.10 15.45 -10.04
CA PRO A 330 -11.07 15.82 -11.47
C PRO A 330 -10.04 14.94 -12.16
N LYS A 331 -10.26 14.63 -13.43
CA LYS A 331 -9.31 13.79 -14.13
C LYS A 331 -8.10 14.60 -14.62
N PRO A 332 -6.92 13.98 -14.64
CA PRO A 332 -5.68 14.64 -15.07
C PRO A 332 -5.55 14.76 -16.58
N ALA A 333 -4.98 15.89 -17.02
CA ALA A 333 -4.74 16.15 -18.44
C ALA A 333 -3.38 15.55 -18.79
N LEU A 334 -3.18 15.28 -20.08
CA LEU A 334 -1.91 14.69 -20.52
C LEU A 334 -1.31 15.29 -21.77
N LEU A 335 0.02 15.18 -21.84
CA LEU A 335 0.79 15.62 -22.99
C LEU A 335 1.74 14.45 -23.25
N HIS A 336 1.53 13.74 -24.36
CA HIS A 336 2.34 12.57 -24.70
C HIS A 336 3.54 12.90 -25.56
N SER A 337 4.64 12.19 -25.33
CA SER A 337 5.84 12.38 -26.13
C SER A 337 6.07 11.08 -26.89
N THR A 338 6.80 11.17 -27.99
CA THR A 338 7.09 9.97 -28.79
C THR A 338 8.22 9.20 -28.11
N PHE A 339 8.50 8.01 -28.61
CA PHE A 339 9.58 7.19 -28.05
C PHE A 339 10.89 7.76 -28.56
N PHE A 340 11.90 7.81 -27.71
CA PHE A 340 13.19 8.31 -28.15
C PHE A 340 13.81 7.17 -28.95
N PRO A 341 14.46 7.47 -30.08
CA PRO A 341 15.08 6.42 -30.91
C PRO A 341 16.26 5.75 -30.25
N ALA A 342 16.43 4.46 -30.53
CA ALA A 342 17.57 3.71 -30.03
C ALA A 342 18.64 3.91 -31.11
N LEU A 343 19.91 4.03 -30.71
CA LEU A 343 20.97 4.21 -31.70
C LEU A 343 20.86 3.25 -32.88
N GLN A 344 20.67 1.97 -32.59
CA GLN A 344 20.57 0.94 -33.61
C GLN A 344 19.44 1.14 -34.60
N GLY A 345 18.48 2.00 -34.26
CA GLY A 345 17.38 2.23 -35.16
C GLY A 345 16.06 2.50 -34.43
N ALA A 346 15.18 3.27 -35.07
CA ALA A 346 13.89 3.60 -34.49
C ALA A 346 13.00 2.36 -34.40
N GLN A 347 13.51 1.22 -34.83
CA GLN A 347 12.74 -0.02 -34.78
C GLN A 347 13.04 -0.80 -33.51
N THR A 348 14.32 -0.99 -33.22
CA THR A 348 14.74 -1.73 -32.03
C THR A 348 14.50 -0.97 -30.73
N LYS A 349 14.56 -1.70 -29.62
CA LYS A 349 14.33 -1.13 -28.29
C LYS A 349 15.67 -0.79 -27.64
N MET A 350 15.69 0.29 -26.87
CA MET A 350 16.91 0.70 -26.19
C MET A 350 16.78 0.39 -24.71
N SER A 351 17.86 0.59 -23.95
CA SER A 351 17.81 0.32 -22.52
C SER A 351 19.07 0.78 -21.81
N ALA A 352 18.95 1.02 -20.52
CA ALA A 352 20.09 1.44 -19.72
C ALA A 352 21.02 0.23 -19.63
N SER A 353 20.48 -0.93 -19.99
CA SER A 353 21.22 -2.19 -19.98
C SER A 353 21.76 -2.48 -21.37
N ASP A 354 22.42 -1.47 -21.95
CA ASP A 354 22.98 -1.58 -23.29
C ASP A 354 23.69 -0.26 -23.58
N PRO A 355 24.96 -0.15 -23.16
CA PRO A 355 25.78 1.06 -23.34
C PRO A 355 25.81 1.66 -24.75
N ASN A 356 25.66 0.84 -25.78
CA ASN A 356 25.67 1.34 -27.14
C ASN A 356 24.25 1.45 -27.69
N SER A 357 23.28 1.37 -26.79
CA SER A 357 21.87 1.46 -27.16
C SER A 357 21.47 2.93 -27.25
N SER A 358 22.24 3.76 -26.57
CA SER A 358 21.97 5.19 -26.56
C SER A 358 23.19 5.93 -26.04
N ILE A 359 23.03 7.23 -25.83
CA ILE A 359 24.10 8.07 -25.33
C ILE A 359 23.77 8.40 -23.89
N PHE A 360 24.52 7.78 -22.97
CA PHE A 360 24.31 7.98 -21.54
C PHE A 360 24.86 9.29 -20.98
N LEU A 361 24.16 9.80 -19.97
CA LEU A 361 24.52 11.05 -19.34
C LEU A 361 25.91 11.09 -18.70
N THR A 362 26.58 9.95 -18.63
CA THR A 362 27.91 9.91 -18.03
C THR A 362 29.03 9.77 -19.05
N ASP A 363 28.66 9.66 -20.32
CA ASP A 363 29.62 9.50 -21.41
C ASP A 363 30.57 10.66 -21.62
N THR A 364 31.77 10.34 -22.08
CA THR A 364 32.82 11.33 -22.33
C THR A 364 32.71 11.87 -23.76
N ALA A 365 33.44 12.93 -24.04
CA ALA A 365 33.43 13.51 -25.39
C ALA A 365 33.74 12.42 -26.42
N LYS A 366 34.78 11.63 -26.13
CA LYS A 366 35.21 10.56 -27.02
C LYS A 366 34.15 9.49 -27.24
N GLN A 367 33.54 9.03 -26.15
CA GLN A 367 32.51 8.00 -26.21
C GLN A 367 31.29 8.42 -27.04
N ILE A 368 30.94 9.70 -26.94
CA ILE A 368 29.80 10.22 -27.68
C ILE A 368 30.12 10.17 -29.16
N LYS A 369 31.30 10.64 -29.52
CA LYS A 369 31.74 10.63 -30.91
C LYS A 369 31.79 9.19 -31.44
N THR A 370 32.38 8.29 -30.66
CA THR A 370 32.50 6.89 -31.04
C THR A 370 31.14 6.26 -31.28
N LYS A 371 30.23 6.45 -30.33
CA LYS A 371 28.89 5.89 -30.42
C LYS A 371 28.12 6.35 -31.66
N VAL A 372 28.10 7.65 -31.91
CA VAL A 372 27.37 8.15 -33.07
C VAL A 372 27.92 7.61 -34.38
N ASN A 373 29.24 7.69 -34.55
CA ASN A 373 29.87 7.20 -35.77
C ASN A 373 29.72 5.69 -35.92
N LYS A 374 30.02 4.95 -34.86
CA LYS A 374 29.94 3.50 -34.94
C LYS A 374 28.55 2.88 -34.84
N HIS A 375 27.67 3.49 -34.05
CA HIS A 375 26.34 2.90 -33.85
C HIS A 375 25.09 3.61 -34.34
N ALA A 376 25.18 4.88 -34.72
CA ALA A 376 23.99 5.58 -35.17
C ALA A 376 23.47 5.05 -36.50
N PHE A 377 22.34 4.35 -36.48
CA PHE A 377 21.77 3.80 -37.70
C PHE A 377 21.71 4.90 -38.76
N SER A 378 22.15 4.59 -39.97
CA SER A 378 22.16 5.60 -41.03
C SER A 378 21.08 5.47 -42.07
N GLY A 379 20.54 6.63 -42.46
CA GLY A 379 19.50 6.67 -43.47
C GLY A 379 20.12 7.00 -44.81
N GLY A 380 21.45 6.90 -44.87
CA GLY A 380 22.17 7.18 -46.10
C GLY A 380 22.10 6.00 -47.05
N ARG A 381 22.53 6.22 -48.30
CA ARG A 381 22.53 5.16 -49.31
C ARG A 381 23.75 4.27 -49.13
N ASP A 382 23.66 3.04 -49.64
CA ASP A 382 24.76 2.09 -49.51
C ASP A 382 26.09 2.60 -50.04
N THR A 383 26.06 3.41 -51.09
CA THR A 383 27.30 3.95 -51.65
C THR A 383 27.17 5.44 -51.85
N ILE A 384 28.32 6.11 -51.97
CA ILE A 384 28.34 7.56 -52.15
C ILE A 384 27.72 8.00 -53.46
N GLU A 385 27.77 7.13 -54.46
CA GLU A 385 27.19 7.44 -55.76
C GLU A 385 25.67 7.51 -55.60
N GLU A 386 25.08 6.45 -55.05
CA GLU A 386 23.64 6.42 -54.84
C GLU A 386 23.20 7.60 -53.99
N HIS A 387 24.04 7.97 -53.02
CA HIS A 387 23.71 9.07 -52.14
C HIS A 387 23.60 10.39 -52.89
N ARG A 388 24.59 10.69 -53.71
CA ARG A 388 24.59 11.95 -54.46
C ARG A 388 23.44 12.02 -55.44
N GLN A 389 23.03 10.87 -55.97
CA GLN A 389 21.94 10.87 -56.94
C GLN A 389 20.55 10.82 -56.31
N PHE A 390 20.35 9.90 -55.35
CA PHE A 390 19.04 9.74 -54.72
C PHE A 390 18.92 10.28 -53.31
N GLY A 391 20.01 10.80 -52.77
CA GLY A 391 20.00 11.39 -51.43
C GLY A 391 19.74 10.51 -50.23
N GLY A 392 19.85 11.11 -49.05
CA GLY A 392 19.62 10.39 -47.81
C GLY A 392 18.18 10.43 -47.36
N ASN A 393 17.87 9.64 -46.34
CA ASN A 393 16.54 9.55 -45.78
C ASN A 393 16.54 9.96 -44.32
N CYS A 394 15.94 11.10 -44.02
CA CYS A 394 15.89 11.61 -42.66
C CYS A 394 14.83 10.94 -41.79
N ASP A 395 13.88 10.26 -42.40
CA ASP A 395 12.83 9.60 -41.63
C ASP A 395 13.27 8.32 -40.94
N VAL A 396 14.42 7.79 -41.34
CA VAL A 396 14.91 6.55 -40.74
C VAL A 396 16.30 6.71 -40.15
N ASP A 397 16.90 7.89 -40.37
CA ASP A 397 18.25 8.18 -39.88
C ASP A 397 18.25 8.66 -38.43
N VAL A 398 18.71 7.79 -37.54
CA VAL A 398 18.76 8.08 -36.13
C VAL A 398 19.53 9.34 -35.77
N SER A 399 20.64 9.60 -36.45
CA SER A 399 21.39 10.82 -36.15
C SER A 399 20.51 12.05 -36.37
N PHE A 400 19.75 12.07 -37.46
CA PHE A 400 18.88 13.21 -37.75
C PHE A 400 17.75 13.32 -36.73
N MET A 401 17.22 12.16 -36.34
CA MET A 401 16.13 12.13 -35.36
C MET A 401 16.64 12.83 -34.10
N TYR A 402 17.85 12.47 -33.69
CA TYR A 402 18.50 13.06 -32.53
C TYR A 402 18.55 14.58 -32.63
N LEU A 403 19.01 15.09 -33.77
CA LEU A 403 19.10 16.53 -33.97
C LEU A 403 17.73 17.17 -33.78
N THR A 404 16.69 16.45 -34.16
CA THR A 404 15.32 16.93 -34.02
C THR A 404 14.95 17.20 -32.56
N PHE A 405 15.57 16.46 -31.64
CA PHE A 405 15.33 16.61 -30.22
C PHE A 405 16.25 17.66 -29.59
N PHE A 406 17.48 17.77 -30.08
CA PHE A 406 18.45 18.68 -29.48
C PHE A 406 18.99 19.88 -30.23
N LEU A 407 18.67 20.02 -31.50
CA LEU A 407 19.17 21.18 -32.21
C LEU A 407 18.10 22.26 -32.12
N GLU A 408 18.37 23.29 -31.32
CA GLU A 408 17.41 24.38 -31.11
C GLU A 408 17.07 25.18 -32.37
N ASP A 409 18.11 25.65 -33.08
CA ASP A 409 17.90 26.47 -34.27
C ASP A 409 17.13 25.75 -35.39
N ASP A 410 15.90 26.19 -35.60
CA ASP A 410 15.04 25.60 -36.62
C ASP A 410 15.62 25.67 -38.03
N ASP A 411 16.13 26.85 -38.42
CA ASP A 411 16.68 27.00 -39.76
C ASP A 411 17.85 26.06 -40.03
N LYS A 412 18.73 25.89 -39.06
CA LYS A 412 19.87 24.99 -39.27
C LYS A 412 19.41 23.55 -39.36
N LEU A 413 18.46 23.16 -38.53
CA LEU A 413 17.96 21.79 -38.58
C LEU A 413 17.45 21.54 -40.01
N GLU A 414 16.76 22.53 -40.57
CA GLU A 414 16.21 22.41 -41.92
C GLU A 414 17.27 22.37 -43.01
N GLN A 415 18.36 23.11 -42.82
CA GLN A 415 19.42 23.12 -43.80
C GLN A 415 20.03 21.72 -43.85
N ILE A 416 20.17 21.09 -42.68
CA ILE A 416 20.71 19.74 -42.62
C ILE A 416 19.70 18.74 -43.22
N ARG A 417 18.42 18.91 -42.91
CA ARG A 417 17.43 18.01 -43.48
C ARG A 417 17.49 18.12 -45.01
N LYS A 418 17.58 19.34 -45.51
CA LYS A 418 17.63 19.59 -46.94
C LYS A 418 18.89 19.02 -47.61
N ASP A 419 20.04 19.35 -47.06
CA ASP A 419 21.31 18.89 -47.61
C ASP A 419 21.50 17.38 -47.55
N TYR A 420 20.98 16.74 -46.50
CA TYR A 420 21.13 15.30 -46.40
C TYR A 420 20.19 14.64 -47.40
N THR A 421 18.97 15.16 -47.52
CA THR A 421 17.99 14.60 -48.43
C THR A 421 18.41 14.79 -49.90
N SER A 422 19.14 15.87 -50.17
CA SER A 422 19.60 16.15 -51.54
C SER A 422 20.88 15.39 -51.86
N GLY A 423 21.46 14.76 -50.85
CA GLY A 423 22.68 14.04 -51.07
C GLY A 423 23.90 14.93 -51.01
N ALA A 424 23.68 16.24 -50.92
CA ALA A 424 24.81 17.16 -50.84
C ALA A 424 25.63 16.84 -49.60
N MET A 425 24.95 16.44 -48.53
CA MET A 425 25.59 16.08 -47.26
C MET A 425 25.66 14.57 -47.06
N LEU A 426 26.87 14.06 -46.85
CA LEU A 426 27.07 12.63 -46.63
C LEU A 426 26.76 12.33 -45.18
N THR A 427 26.36 11.10 -44.90
CA THR A 427 26.02 10.74 -43.53
C THR A 427 27.16 10.99 -42.54
N GLY A 428 28.39 11.03 -43.04
CA GLY A 428 29.52 11.26 -42.16
C GLY A 428 29.53 12.69 -41.62
N GLU A 429 29.10 13.62 -42.46
CA GLU A 429 29.05 15.04 -42.11
C GLU A 429 27.88 15.26 -41.17
N LEU A 430 26.81 14.51 -41.40
CA LEU A 430 25.60 14.60 -40.58
C LEU A 430 26.05 14.21 -39.18
N LYS A 431 26.62 13.02 -39.05
CA LYS A 431 27.12 12.52 -37.77
C LYS A 431 27.89 13.63 -37.07
N LYS A 432 28.82 14.23 -37.81
CA LYS A 432 29.68 15.33 -37.33
C LYS A 432 28.85 16.41 -36.65
N ALA A 433 27.74 16.81 -37.28
CA ALA A 433 26.88 17.84 -36.72
C ALA A 433 26.25 17.41 -35.41
N LEU A 434 25.73 16.18 -35.36
CA LEU A 434 25.09 15.69 -34.14
C LEU A 434 26.06 15.68 -32.97
N ILE A 435 27.29 15.25 -33.23
CA ILE A 435 28.31 15.19 -32.20
C ILE A 435 28.65 16.57 -31.64
N GLU A 436 28.63 17.60 -32.48
CA GLU A 436 28.95 18.94 -31.99
C GLU A 436 27.81 19.45 -31.12
N VAL A 437 26.63 18.86 -31.30
CA VAL A 437 25.46 19.23 -30.52
C VAL A 437 25.41 18.45 -29.21
N LEU A 438 25.68 17.16 -29.27
CA LEU A 438 25.63 16.32 -28.08
C LEU A 438 26.73 16.51 -27.04
N GLN A 439 27.97 16.72 -27.48
CA GLN A 439 29.09 16.87 -26.56
C GLN A 439 28.90 18.01 -25.57
N PRO A 440 28.53 19.20 -26.06
CA PRO A 440 28.35 20.31 -25.11
C PRO A 440 27.12 20.07 -24.21
N LEU A 441 26.10 19.41 -24.77
CA LEU A 441 24.87 19.11 -24.05
C LEU A 441 25.16 18.22 -22.83
N ILE A 442 25.77 17.06 -23.06
CA ILE A 442 26.09 16.15 -21.97
C ILE A 442 27.14 16.78 -21.06
N ALA A 443 28.12 17.42 -21.66
CA ALA A 443 29.18 18.06 -20.89
C ALA A 443 28.55 19.00 -19.86
N GLU A 444 27.63 19.86 -20.32
CA GLU A 444 26.98 20.82 -19.44
C GLU A 444 26.10 20.16 -18.39
N HIS A 445 25.38 19.12 -18.77
CA HIS A 445 24.52 18.45 -17.82
C HIS A 445 25.39 17.82 -16.73
N GLN A 446 26.52 17.25 -17.12
CA GLN A 446 27.41 16.62 -16.15
C GLN A 446 27.96 17.67 -15.19
N ALA A 447 28.19 18.88 -15.70
CA ALA A 447 28.70 19.97 -14.89
C ALA A 447 27.69 20.47 -13.87
N ARG A 448 26.42 20.56 -14.29
CA ARG A 448 25.34 21.01 -13.39
C ARG A 448 24.99 19.93 -12.39
N ARG A 449 25.13 18.67 -12.78
CA ARG A 449 24.83 17.57 -11.89
C ARG A 449 25.84 17.54 -10.75
N LYS A 450 27.05 18.00 -11.04
CA LYS A 450 28.09 18.03 -10.03
C LYS A 450 27.83 19.13 -9.01
N GLU A 451 27.01 20.11 -9.40
CA GLU A 451 26.66 21.23 -8.54
C GLU A 451 25.54 20.83 -7.58
N VAL A 452 24.92 19.68 -7.82
CA VAL A 452 23.84 19.20 -6.97
C VAL A 452 24.39 18.57 -5.71
N THR A 453 24.32 19.32 -4.61
CA THR A 453 24.80 18.88 -3.29
C THR A 453 23.79 17.99 -2.61
N ASP A 454 24.25 17.20 -1.64
CA ASP A 454 23.34 16.32 -0.91
C ASP A 454 22.21 17.06 -0.23
N GLU A 455 22.48 18.26 0.27
CA GLU A 455 21.45 19.05 0.93
C GLU A 455 20.46 19.60 -0.08
N ILE A 456 20.92 19.81 -1.32
CA ILE A 456 20.03 20.30 -2.35
C ILE A 456 19.05 19.18 -2.67
N VAL A 457 19.58 17.98 -2.85
CA VAL A 457 18.75 16.81 -3.14
C VAL A 457 17.78 16.58 -2.00
N LYS A 458 18.26 16.71 -0.77
CA LYS A 458 17.41 16.52 0.40
C LYS A 458 16.31 17.55 0.41
N GLU A 459 16.65 18.82 0.23
CA GLU A 459 15.61 19.83 0.25
C GLU A 459 14.55 19.54 -0.81
N PHE A 460 15.00 19.15 -2.00
CA PHE A 460 14.07 18.83 -3.09
C PHE A 460 13.13 17.68 -2.69
N MET A 461 13.67 16.67 -2.03
CA MET A 461 12.89 15.51 -1.62
C MET A 461 12.21 15.62 -0.27
N THR A 462 12.27 16.82 0.32
CA THR A 462 11.64 17.05 1.62
C THR A 462 10.21 17.56 1.46
N PRO A 463 9.22 16.81 1.97
CA PRO A 463 7.86 17.34 1.81
C PRO A 463 7.79 18.71 2.46
N ARG A 464 7.22 19.68 1.74
CA ARG A 464 7.14 21.05 2.26
C ARG A 464 6.19 21.90 1.43
N LYS A 465 5.94 23.12 1.89
CA LYS A 465 5.09 24.04 1.13
C LYS A 465 6.00 24.65 0.07
N LEU A 466 5.47 24.81 -1.13
CA LEU A 466 6.25 25.39 -2.21
C LEU A 466 5.93 26.88 -2.29
N SER A 467 6.69 27.63 -3.08
CA SER A 467 6.46 29.06 -3.22
C SER A 467 5.19 29.41 -3.97
N PHE A 468 4.09 28.80 -3.57
CA PHE A 468 2.79 29.05 -4.17
C PHE A 468 1.75 29.03 -3.06
N ASP A 469 0.72 29.86 -3.18
CA ASP A 469 -0.30 29.89 -2.14
C ASP A 469 -1.67 29.46 -2.61
N PHE A 470 -2.25 28.49 -1.90
CA PHE A 470 -3.57 28.00 -2.22
C PHE A 470 -4.47 28.18 -1.02
N GLN A 471 -5.66 28.71 -1.26
CA GLN A 471 -6.62 28.98 -0.20
C GLN A 471 -7.73 27.95 -0.25
N HIS A 472 -8.23 27.59 0.92
CA HIS A 472 -9.29 26.60 1.05
C HIS A 472 -10.08 26.89 2.31
N HIS A 473 -11.31 27.40 2.14
CA HIS A 473 -12.15 27.72 3.28
C HIS A 473 -13.45 26.91 3.32
N HIS A 474 -13.84 26.54 4.53
CA HIS A 474 -15.07 25.77 4.77
C HIS A 474 -15.38 25.88 6.25
N HIS A 475 -16.65 26.11 6.59
CA HIS A 475 -17.02 26.21 8.00
C HIS A 475 -17.58 24.89 8.52
N THR B 92 -18.34 -27.78 12.22
CA THR B 92 -18.90 -27.18 10.98
C THR B 92 -20.42 -27.14 10.99
N SER B 93 -21.04 -28.30 11.20
CA SER B 93 -22.49 -28.40 11.25
C SER B 93 -22.91 -29.16 12.50
N SER B 94 -21.92 -29.58 13.28
CA SER B 94 -22.15 -30.31 14.52
C SER B 94 -22.70 -29.35 15.55
N ALA B 95 -23.68 -29.81 16.34
CA ALA B 95 -24.28 -28.97 17.37
C ALA B 95 -23.28 -28.62 18.46
N LYS B 96 -22.24 -29.43 18.61
CA LYS B 96 -21.25 -29.16 19.64
C LYS B 96 -20.05 -28.40 19.08
N GLY B 97 -20.29 -27.71 17.97
CA GLY B 97 -19.25 -26.90 17.37
C GLY B 97 -18.36 -27.56 16.34
N ILE B 98 -17.22 -26.93 16.10
CA ILE B 98 -16.24 -27.41 15.15
C ILE B 98 -15.32 -28.45 15.78
N ASP B 99 -14.78 -29.34 14.96
CA ASP B 99 -13.85 -30.35 15.43
C ASP B 99 -12.49 -29.69 15.31
N TYR B 100 -12.05 -29.06 16.39
CA TYR B 100 -10.78 -28.35 16.36
C TYR B 100 -9.55 -29.24 16.28
N ASP B 101 -9.70 -30.53 16.54
CA ASP B 101 -8.56 -31.43 16.44
C ASP B 101 -8.29 -31.72 14.98
N LYS B 102 -9.34 -31.71 14.18
CA LYS B 102 -9.25 -31.95 12.75
C LYS B 102 -8.77 -30.64 12.13
N LEU B 103 -9.22 -29.52 12.71
CA LEU B 103 -8.85 -28.21 12.22
C LEU B 103 -7.34 -28.04 12.38
N ILE B 104 -6.84 -28.36 13.57
CA ILE B 104 -5.41 -28.27 13.83
C ILE B 104 -4.65 -29.05 12.78
N VAL B 105 -5.17 -30.23 12.45
CA VAL B 105 -4.54 -31.07 11.45
C VAL B 105 -4.55 -30.44 10.06
N ARG B 106 -5.71 -30.14 9.52
CA ARG B 106 -5.75 -29.56 8.18
C ARG B 106 -5.19 -28.13 8.14
N PHE B 107 -4.68 -27.67 9.28
CA PHE B 107 -4.11 -26.33 9.33
C PHE B 107 -2.61 -26.44 9.52
N GLY B 108 -2.15 -27.62 9.95
CA GLY B 108 -0.74 -27.84 10.15
C GLY B 108 -0.20 -27.24 11.43
N SER B 109 -1.08 -26.71 12.27
CA SER B 109 -0.64 -26.13 13.53
C SER B 109 -0.43 -27.25 14.55
N SER B 110 -0.07 -26.88 15.76
CA SER B 110 0.15 -27.86 16.80
C SER B 110 -0.75 -27.56 18.00
N LYS B 111 -1.22 -28.62 18.65
CA LYS B 111 -2.11 -28.47 19.80
C LYS B 111 -1.44 -27.99 21.07
N ILE B 112 -2.18 -27.18 21.83
CA ILE B 112 -1.70 -26.66 23.10
C ILE B 112 -2.01 -27.76 24.10
N ASP B 113 -0.99 -28.57 24.41
CA ASP B 113 -1.17 -29.69 25.33
C ASP B 113 -0.84 -29.35 26.78
N LYS B 114 -1.09 -30.33 27.65
CA LYS B 114 -0.84 -30.20 29.07
C LYS B 114 0.60 -29.76 29.31
N GLU B 115 1.50 -30.42 28.59
CA GLU B 115 2.94 -30.16 28.66
C GLU B 115 3.22 -28.67 28.49
N LEU B 116 2.78 -28.13 27.35
CA LEU B 116 2.98 -26.72 27.02
C LEU B 116 2.34 -25.80 28.06
N ILE B 117 1.15 -26.16 28.54
CA ILE B 117 0.48 -25.35 29.54
C ILE B 117 1.26 -25.36 30.85
N ASN B 118 1.89 -26.48 31.18
CA ASN B 118 2.68 -26.55 32.40
C ASN B 118 3.95 -25.74 32.21
N ARG B 119 4.52 -25.80 31.03
CA ARG B 119 5.73 -25.03 30.79
C ARG B 119 5.40 -23.55 30.97
N ILE B 120 4.29 -23.10 30.37
CA ILE B 120 3.88 -21.71 30.49
C ILE B 120 3.71 -21.35 31.97
N GLU B 121 3.19 -22.29 32.74
CA GLU B 121 3.01 -22.03 34.16
C GLU B 121 4.37 -21.92 34.84
N ARG B 122 5.26 -22.86 34.53
CA ARG B 122 6.61 -22.87 35.11
C ARG B 122 7.39 -21.60 34.76
N ALA B 123 7.38 -21.23 33.49
CA ALA B 123 8.08 -20.04 33.02
C ALA B 123 7.63 -18.76 33.69
N THR B 124 6.35 -18.68 34.05
CA THR B 124 5.81 -17.47 34.66
C THR B 124 5.53 -17.55 36.15
N GLY B 125 5.42 -18.77 36.66
CA GLY B 125 5.13 -18.92 38.07
C GLY B 125 3.69 -18.54 38.38
N GLN B 126 2.89 -18.32 37.34
CA GLN B 126 1.47 -17.96 37.48
C GLN B 126 0.58 -19.10 37.00
N ARG B 127 -0.62 -19.19 37.58
CA ARG B 127 -1.54 -20.23 37.15
C ARG B 127 -2.04 -19.81 35.76
N PRO B 128 -2.03 -20.74 34.79
CA PRO B 128 -2.49 -20.40 33.44
C PRO B 128 -3.93 -19.91 33.40
N HIS B 129 -4.18 -18.92 32.55
CA HIS B 129 -5.50 -18.32 32.36
C HIS B 129 -6.53 -19.43 32.03
N HIS B 130 -7.80 -19.23 32.40
CA HIS B 130 -8.79 -20.26 32.12
C HIS B 130 -9.02 -20.57 30.64
N PHE B 131 -8.68 -19.66 29.75
CA PHE B 131 -8.85 -19.92 28.32
C PHE B 131 -7.95 -21.09 27.93
N LEU B 132 -6.77 -21.17 28.56
CA LEU B 132 -5.82 -22.23 28.29
C LEU B 132 -6.23 -23.53 29.01
N ARG B 133 -6.60 -23.41 30.30
CA ARG B 133 -7.02 -24.57 31.07
C ARG B 133 -8.22 -25.26 30.41
N ARG B 134 -9.16 -24.46 29.93
CA ARG B 134 -10.39 -24.99 29.32
C ARG B 134 -10.40 -25.27 27.81
N GLY B 135 -9.26 -25.15 27.16
CA GLY B 135 -9.22 -25.43 25.73
C GLY B 135 -9.74 -24.34 24.81
N ILE B 136 -10.00 -23.15 25.35
CA ILE B 136 -10.49 -22.05 24.54
C ILE B 136 -9.37 -21.60 23.60
N PHE B 137 -8.15 -21.48 24.12
CA PHE B 137 -6.99 -21.19 23.27
C PHE B 137 -6.36 -22.58 23.17
N PHE B 138 -6.71 -23.28 22.10
CA PHE B 138 -6.31 -24.65 21.87
C PHE B 138 -5.15 -24.95 20.95
N SER B 139 -4.75 -23.99 20.12
CA SER B 139 -3.67 -24.22 19.17
C SER B 139 -2.59 -23.16 19.16
N HIS B 140 -1.44 -23.49 18.60
CA HIS B 140 -0.34 -22.54 18.54
C HIS B 140 0.65 -22.87 17.44
N ARG B 141 1.64 -22.00 17.30
CA ARG B 141 2.72 -22.14 16.34
C ARG B 141 3.94 -21.49 16.98
N ASP B 142 4.96 -22.29 17.24
CA ASP B 142 6.20 -21.82 17.86
C ASP B 142 6.05 -21.17 19.22
N MET B 143 5.07 -21.58 20.01
CA MET B 143 4.94 -20.97 21.34
C MET B 143 6.17 -21.42 22.13
N ASN B 144 6.73 -22.56 21.69
CA ASN B 144 7.93 -23.13 22.30
C ASN B 144 9.06 -22.09 22.20
N GLN B 145 9.23 -21.53 21.01
CA GLN B 145 10.26 -20.54 20.78
C GLN B 145 10.02 -19.33 21.67
N VAL B 146 8.79 -18.83 21.69
CA VAL B 146 8.48 -17.69 22.53
C VAL B 146 8.93 -17.96 23.95
N LEU B 147 8.59 -19.16 24.45
CA LEU B 147 8.96 -19.56 25.80
C LEU B 147 10.47 -19.63 26.01
N ASP B 148 11.18 -20.18 25.03
CA ASP B 148 12.63 -20.24 25.17
C ASP B 148 13.10 -18.80 25.37
N ALA B 149 12.79 -17.94 24.41
CA ALA B 149 13.16 -16.54 24.47
C ALA B 149 12.82 -15.90 25.81
N TYR B 150 11.61 -16.13 26.30
CA TYR B 150 11.23 -15.54 27.58
C TYR B 150 12.08 -16.02 28.76
N GLU B 151 12.38 -17.32 28.78
CA GLU B 151 13.16 -17.91 29.87
C GLU B 151 14.62 -17.46 29.82
N ASN B 152 15.11 -17.17 28.62
CA ASN B 152 16.49 -16.73 28.45
C ASN B 152 16.58 -15.22 28.43
N LYS B 153 15.63 -14.57 29.07
CA LYS B 153 15.60 -13.11 29.16
C LYS B 153 15.66 -12.37 27.82
N LYS B 154 15.34 -13.04 26.71
CA LYS B 154 15.32 -12.41 25.41
C LYS B 154 13.96 -11.71 25.28
N PRO B 155 13.88 -10.60 24.52
CA PRO B 155 12.62 -9.87 24.38
C PRO B 155 11.67 -10.40 23.31
N PHE B 156 10.40 -10.03 23.44
CA PHE B 156 9.39 -10.39 22.47
C PHE B 156 8.22 -9.43 22.66
N TYR B 157 7.38 -9.29 21.65
CA TYR B 157 6.23 -8.40 21.79
C TYR B 157 4.95 -9.06 21.28
N LEU B 158 3.81 -8.50 21.70
CA LEU B 158 2.51 -9.00 21.32
C LEU B 158 1.89 -8.20 20.17
N TYR B 159 1.17 -8.91 19.31
CA TYR B 159 0.50 -8.28 18.17
C TYR B 159 -0.80 -8.99 17.86
N THR B 160 -1.88 -8.22 17.90
CA THR B 160 -3.22 -8.69 17.62
C THR B 160 -3.93 -7.54 16.88
N GLY B 161 -5.13 -7.76 16.36
CA GLY B 161 -5.81 -6.69 15.66
C GLY B 161 -7.33 -6.75 15.68
N ARG B 162 -7.96 -5.79 15.02
CA ARG B 162 -9.40 -5.69 14.97
C ARG B 162 -9.93 -5.06 13.69
N GLY B 163 -10.85 -5.75 13.03
CA GLY B 163 -11.45 -5.20 11.81
C GLY B 163 -12.57 -4.26 12.25
N PRO B 164 -12.35 -2.94 12.19
CA PRO B 164 -13.40 -2.00 12.61
C PRO B 164 -14.50 -1.80 11.58
N SER B 165 -15.31 -2.82 11.38
CA SER B 165 -16.39 -2.72 10.41
C SER B 165 -17.63 -2.05 10.94
N SER B 166 -17.61 -1.65 12.20
CA SER B 166 -18.77 -1.01 12.82
C SER B 166 -18.51 -0.55 14.25
N GLU B 167 -19.36 0.33 14.76
CA GLU B 167 -19.21 0.80 16.14
C GLU B 167 -19.74 -0.29 17.05
N ALA B 168 -20.47 -1.24 16.46
CA ALA B 168 -21.08 -2.34 17.19
C ALA B 168 -20.22 -3.58 17.36
N MET B 169 -19.73 -3.77 18.57
CA MET B 169 -18.93 -4.94 18.87
C MET B 169 -19.73 -5.82 19.83
N HIS B 170 -19.45 -7.12 19.78
CA HIS B 170 -20.14 -8.05 20.65
C HIS B 170 -19.18 -8.78 21.56
N VAL B 171 -19.74 -9.57 22.45
CA VAL B 171 -18.99 -10.33 23.42
C VAL B 171 -17.95 -11.27 22.78
N GLY B 172 -18.27 -11.78 21.59
CA GLY B 172 -17.36 -12.67 20.90
C GLY B 172 -16.06 -12.00 20.54
N HIS B 173 -16.14 -10.74 20.14
CA HIS B 173 -14.96 -9.98 19.77
C HIS B 173 -13.99 -9.86 20.95
N LEU B 174 -14.50 -9.86 22.17
CA LEU B 174 -13.65 -9.70 23.35
C LEU B 174 -12.68 -10.85 23.69
N ILE B 175 -13.03 -12.07 23.33
CA ILE B 175 -12.18 -13.20 23.69
C ILE B 175 -10.68 -12.97 23.47
N PRO B 176 -10.24 -12.82 22.21
CA PRO B 176 -8.80 -12.60 22.00
C PRO B 176 -8.21 -11.43 22.80
N PHE B 177 -8.94 -10.33 22.88
CA PHE B 177 -8.43 -9.20 23.61
C PHE B 177 -8.28 -9.50 25.09
N ILE B 178 -9.25 -10.21 25.66
CA ILE B 178 -9.20 -10.58 27.08
C ILE B 178 -7.93 -11.38 27.37
N PHE B 179 -7.62 -12.31 26.47
CA PHE B 179 -6.46 -13.16 26.63
C PHE B 179 -5.18 -12.36 26.39
N THR B 180 -5.18 -11.48 25.39
CA THR B 180 -3.99 -10.66 25.10
C THR B 180 -3.65 -9.79 26.31
N LYS B 181 -4.67 -9.27 26.99
CA LYS B 181 -4.42 -8.45 28.16
C LYS B 181 -3.79 -9.32 29.26
N TRP B 182 -4.17 -10.59 29.33
CA TRP B 182 -3.57 -11.44 30.33
C TRP B 182 -2.10 -11.70 29.95
N LEU B 183 -1.86 -12.03 28.68
CA LEU B 183 -0.50 -12.28 28.21
C LEU B 183 0.43 -11.10 28.49
N GLN B 184 -0.07 -9.89 28.28
CA GLN B 184 0.72 -8.70 28.52
C GLN B 184 1.03 -8.53 30.00
N ASP B 185 0.10 -8.84 30.88
CA ASP B 185 0.38 -8.68 32.29
C ASP B 185 1.34 -9.78 32.77
N VAL B 186 1.04 -11.02 32.40
CA VAL B 186 1.87 -12.16 32.80
C VAL B 186 3.33 -12.06 32.35
N PHE B 187 3.56 -11.92 31.04
CA PHE B 187 4.92 -11.82 30.47
C PHE B 187 5.50 -10.41 30.57
N ASN B 188 4.62 -9.42 30.73
CA ASN B 188 5.02 -8.02 30.84
C ASN B 188 5.80 -7.52 29.62
N VAL B 189 5.17 -7.62 28.45
CA VAL B 189 5.80 -7.20 27.19
C VAL B 189 4.96 -6.15 26.45
N PRO B 190 5.57 -5.41 25.51
CA PRO B 190 4.84 -4.39 24.75
C PRO B 190 3.85 -5.03 23.78
N LEU B 191 2.77 -4.31 23.50
CA LEU B 191 1.73 -4.80 22.62
C LEU B 191 1.42 -3.84 21.48
N VAL B 192 1.17 -4.41 20.31
CA VAL B 192 0.87 -3.65 19.10
C VAL B 192 -0.50 -4.12 18.59
N ILE B 193 -1.47 -3.21 18.56
CA ILE B 193 -2.82 -3.56 18.10
C ILE B 193 -3.23 -2.82 16.83
N GLN B 194 -3.32 -3.59 15.74
CA GLN B 194 -3.68 -3.05 14.44
C GLN B 194 -5.19 -2.91 14.21
N MET B 195 -5.60 -1.72 13.77
CA MET B 195 -6.99 -1.41 13.48
C MET B 195 -7.08 -1.30 11.96
N THR B 196 -7.50 -2.36 11.29
CA THR B 196 -7.58 -2.38 9.84
C THR B 196 -8.74 -1.55 9.21
N ASP B 197 -8.75 -0.25 9.45
CA ASP B 197 -9.80 0.59 8.89
C ASP B 197 -9.74 0.61 7.37
N ASP B 198 -8.55 0.39 6.81
CA ASP B 198 -8.42 0.36 5.36
C ASP B 198 -9.02 -0.94 4.83
N GLU B 199 -8.78 -2.03 5.54
CA GLU B 199 -9.33 -3.32 5.15
C GLU B 199 -10.84 -3.14 4.99
N LYS B 200 -11.49 -2.70 6.07
CA LYS B 200 -12.93 -2.53 6.04
C LYS B 200 -13.42 -1.51 5.01
N TYR B 201 -12.59 -0.51 4.70
CA TYR B 201 -12.96 0.48 3.69
C TYR B 201 -13.00 -0.28 2.36
N LEU B 202 -11.99 -1.11 2.17
CA LEU B 202 -11.85 -1.90 0.96
C LEU B 202 -12.97 -2.92 0.76
N TRP B 203 -13.34 -3.61 1.84
CA TRP B 203 -14.36 -4.66 1.78
C TRP B 203 -15.82 -4.26 1.93
N LYS B 204 -16.08 -3.17 2.64
CA LYS B 204 -17.45 -2.75 2.87
C LYS B 204 -17.86 -1.43 2.24
N ASP B 205 -19.15 -1.16 2.23
CA ASP B 205 -19.63 0.09 1.68
C ASP B 205 -19.43 1.11 2.78
N LEU B 206 -18.18 1.55 2.94
CA LEU B 206 -17.87 2.53 3.96
C LEU B 206 -17.10 3.71 3.43
N THR B 207 -17.23 4.83 4.14
CA THR B 207 -16.54 6.06 3.80
C THR B 207 -15.20 5.99 4.52
N LEU B 208 -14.19 6.74 4.07
CA LEU B 208 -12.91 6.69 4.76
C LEU B 208 -13.06 7.19 6.18
N ASP B 209 -13.87 8.22 6.36
CA ASP B 209 -14.10 8.77 7.69
C ASP B 209 -14.86 7.75 8.54
N GLN B 210 -15.78 7.03 7.93
CA GLN B 210 -16.53 6.04 8.67
C GLN B 210 -15.55 4.99 9.17
N ALA B 211 -14.85 4.36 8.24
CA ALA B 211 -13.86 3.34 8.58
C ALA B 211 -12.95 3.85 9.69
N TYR B 212 -12.37 5.03 9.49
CA TYR B 212 -11.48 5.59 10.49
C TYR B 212 -12.21 5.82 11.82
N SER B 213 -13.45 6.31 11.74
CA SER B 213 -14.24 6.56 12.95
C SER B 213 -14.49 5.28 13.74
N TYR B 214 -14.74 4.18 13.03
CA TYR B 214 -15.00 2.92 13.72
C TYR B 214 -13.72 2.42 14.38
N ALA B 215 -12.58 2.68 13.76
CA ALA B 215 -11.32 2.24 14.34
C ALA B 215 -11.09 2.95 15.66
N VAL B 216 -11.32 4.26 15.67
CA VAL B 216 -11.12 5.03 16.89
C VAL B 216 -12.15 4.67 17.95
N GLU B 217 -13.36 4.33 17.52
CA GLU B 217 -14.40 3.97 18.48
C GLU B 217 -14.17 2.58 19.05
N ASN B 218 -13.81 1.64 18.20
CA ASN B 218 -13.55 0.28 18.63
C ASN B 218 -12.34 0.28 19.57
N ALA B 219 -11.44 1.23 19.35
CA ALA B 219 -10.22 1.36 20.17
C ALA B 219 -10.57 1.65 21.64
N LYS B 220 -11.67 2.37 21.86
CA LYS B 220 -12.10 2.67 23.22
C LYS B 220 -12.53 1.38 23.91
N ASP B 221 -13.15 0.49 23.16
CA ASP B 221 -13.60 -0.79 23.70
C ASP B 221 -12.40 -1.66 24.01
N ILE B 222 -11.40 -1.58 23.15
CA ILE B 222 -10.19 -2.35 23.37
C ILE B 222 -9.46 -1.79 24.59
N ILE B 223 -9.42 -0.46 24.70
CA ILE B 223 -8.77 0.15 25.85
C ILE B 223 -9.49 -0.21 27.16
N ALA B 224 -10.79 -0.47 27.05
CA ALA B 224 -11.61 -0.82 28.20
C ALA B 224 -11.29 -2.22 28.74
N CYS B 225 -10.47 -2.98 28.01
CA CYS B 225 -10.09 -4.32 28.45
C CYS B 225 -8.91 -4.25 29.42
N GLY B 226 -8.43 -3.02 29.66
CA GLY B 226 -7.35 -2.82 30.61
C GLY B 226 -5.89 -2.73 30.18
N PHE B 227 -5.61 -2.71 28.87
CA PHE B 227 -4.23 -2.62 28.40
C PHE B 227 -3.49 -1.43 28.98
N ASP B 228 -2.23 -1.64 29.37
CA ASP B 228 -1.41 -0.59 29.99
C ASP B 228 -1.09 0.49 28.96
N ILE B 229 -1.53 1.72 29.23
CA ILE B 229 -1.30 2.83 28.32
C ILE B 229 0.18 3.04 28.01
N ASN B 230 1.05 2.46 28.82
CA ASN B 230 2.50 2.60 28.61
C ASN B 230 3.15 1.39 27.97
N LYS B 231 2.36 0.41 27.56
CA LYS B 231 2.95 -0.78 26.96
C LYS B 231 2.23 -1.16 25.69
N THR B 232 1.23 -0.38 25.29
CA THR B 232 0.48 -0.72 24.10
C THR B 232 0.20 0.41 23.11
N PHE B 233 0.43 0.11 21.83
CA PHE B 233 0.23 1.02 20.73
C PHE B 233 -0.90 0.51 19.86
N ILE B 234 -2.02 1.26 19.86
CA ILE B 234 -3.20 0.89 19.07
C ILE B 234 -3.21 1.82 17.86
N PHE B 235 -2.98 1.25 16.68
CA PHE B 235 -2.93 2.09 15.48
C PHE B 235 -3.95 1.83 14.39
N SER B 236 -4.28 2.89 13.64
CA SER B 236 -5.19 2.80 12.52
C SER B 236 -4.26 2.68 11.32
N ASP B 237 -4.56 1.74 10.41
CA ASP B 237 -3.72 1.56 9.23
C ASP B 237 -3.65 2.85 8.43
N LEU B 238 -4.80 3.49 8.28
CA LEU B 238 -4.90 4.75 7.55
C LEU B 238 -3.97 5.81 8.11
N ASP B 239 -3.93 5.98 9.42
CA ASP B 239 -3.05 6.99 10.01
C ASP B 239 -1.59 6.57 10.03
N TYR B 240 -1.32 5.41 10.62
CA TYR B 240 0.04 4.94 10.77
C TYR B 240 0.84 4.75 9.49
N MET B 241 0.19 4.26 8.44
CA MET B 241 0.90 4.05 7.18
C MET B 241 1.67 5.32 6.79
N GLY B 242 1.08 6.48 7.06
CA GLY B 242 1.72 7.74 6.73
C GLY B 242 2.58 8.38 7.80
N MET B 243 2.93 7.63 8.84
CA MET B 243 3.77 8.21 9.87
C MET B 243 4.65 7.15 10.48
N SER B 244 5.22 6.34 9.61
CA SER B 244 6.11 5.26 9.98
C SER B 244 7.20 5.10 8.91
N SER B 245 8.45 5.22 9.32
CA SER B 245 9.55 5.11 8.39
C SER B 245 9.86 3.66 8.05
N GLY B 246 9.10 2.73 8.63
CA GLY B 246 9.36 1.34 8.35
C GLY B 246 8.18 0.46 8.00
N PHE B 247 6.97 0.92 8.34
CA PHE B 247 5.79 0.11 8.06
C PHE B 247 5.59 -0.22 6.60
N TYR B 248 5.39 0.80 5.78
CA TYR B 248 5.18 0.59 4.34
C TYR B 248 6.34 -0.15 3.69
N LYS B 249 7.56 0.14 4.13
CA LYS B 249 8.70 -0.55 3.56
C LYS B 249 8.51 -2.06 3.66
N ASN B 250 8.09 -2.54 4.83
CA ASN B 250 7.85 -3.97 5.01
C ASN B 250 6.68 -4.46 4.18
N VAL B 251 5.62 -3.66 4.12
CA VAL B 251 4.47 -4.04 3.31
C VAL B 251 4.96 -4.36 1.89
N VAL B 252 5.80 -3.49 1.34
CA VAL B 252 6.32 -3.69 -0.01
C VAL B 252 7.14 -4.98 -0.07
N LYS B 253 8.06 -5.17 0.88
CA LYS B 253 8.86 -6.39 0.88
C LYS B 253 7.96 -7.61 0.79
N ILE B 254 6.93 -7.62 1.63
CA ILE B 254 6.01 -8.74 1.65
C ILE B 254 5.26 -8.88 0.32
N GLN B 255 4.76 -7.76 -0.20
CA GLN B 255 4.02 -7.78 -1.45
C GLN B 255 4.81 -8.39 -2.61
N LYS B 256 6.13 -8.25 -2.57
CA LYS B 256 6.96 -8.80 -3.64
C LYS B 256 7.07 -10.31 -3.55
N HIS B 257 6.90 -10.86 -2.35
CA HIS B 257 7.02 -12.31 -2.14
C HIS B 257 5.72 -13.10 -2.00
N VAL B 258 4.61 -12.55 -2.46
CA VAL B 258 3.33 -13.25 -2.38
C VAL B 258 2.62 -13.04 -3.71
N THR B 259 2.43 -14.12 -4.47
CA THR B 259 1.77 -14.01 -5.78
C THR B 259 0.26 -14.03 -5.68
N PHE B 260 -0.39 -13.62 -6.75
CA PHE B 260 -1.84 -13.61 -6.76
C PHE B 260 -2.37 -15.03 -6.61
N ASN B 261 -1.73 -16.00 -7.26
CA ASN B 261 -2.19 -17.39 -7.14
C ASN B 261 -2.23 -17.77 -5.67
N GLN B 262 -1.16 -17.45 -4.95
CA GLN B 262 -1.07 -17.74 -3.53
C GLN B 262 -2.26 -17.20 -2.75
N VAL B 263 -2.54 -15.91 -2.87
CA VAL B 263 -3.67 -15.35 -2.13
C VAL B 263 -5.03 -15.86 -2.63
N LYS B 264 -5.10 -16.29 -3.89
CA LYS B 264 -6.35 -16.82 -4.42
C LYS B 264 -6.57 -18.15 -3.71
N GLY B 265 -5.47 -18.85 -3.45
CA GLY B 265 -5.56 -20.12 -2.78
C GLY B 265 -5.81 -19.98 -1.29
N ILE B 266 -5.03 -19.12 -0.64
CA ILE B 266 -5.16 -18.92 0.80
C ILE B 266 -6.45 -18.24 1.23
N PHE B 267 -6.78 -17.11 0.61
CA PHE B 267 -7.98 -16.35 0.96
C PHE B 267 -9.18 -16.50 0.03
N GLY B 268 -8.95 -17.02 -1.16
CA GLY B 268 -10.05 -17.19 -2.09
C GLY B 268 -10.45 -15.96 -2.89
N PHE B 269 -9.47 -15.16 -3.31
CA PHE B 269 -9.78 -13.99 -4.11
C PHE B 269 -10.00 -14.43 -5.54
N THR B 270 -10.56 -13.53 -6.35
CA THR B 270 -10.82 -13.83 -7.75
C THR B 270 -10.39 -12.65 -8.60
N ASP B 271 -10.38 -12.84 -9.92
CA ASP B 271 -10.00 -11.81 -10.88
C ASP B 271 -10.93 -10.61 -10.77
N SER B 272 -12.09 -10.84 -10.17
CA SER B 272 -13.11 -9.81 -10.01
C SER B 272 -12.95 -8.86 -8.81
N ASP B 273 -12.09 -9.21 -7.86
CA ASP B 273 -11.88 -8.36 -6.69
C ASP B 273 -11.00 -7.14 -7.01
N CYS B 274 -11.16 -6.05 -6.25
CA CYS B 274 -10.37 -4.84 -6.47
C CYS B 274 -8.93 -5.11 -6.03
N ILE B 275 -7.98 -4.45 -6.68
CA ILE B 275 -6.58 -4.65 -6.36
C ILE B 275 -6.22 -4.39 -4.90
N GLY B 276 -7.05 -3.61 -4.20
CA GLY B 276 -6.80 -3.32 -2.81
C GLY B 276 -6.94 -4.57 -1.95
N LYS B 277 -8.04 -5.30 -2.16
CA LYS B 277 -8.30 -6.55 -1.44
C LYS B 277 -7.19 -7.54 -1.69
N ILE B 278 -6.78 -7.63 -2.95
CA ILE B 278 -5.74 -8.55 -3.34
C ILE B 278 -4.41 -8.32 -2.67
N SER B 279 -4.06 -7.08 -2.37
CA SER B 279 -2.77 -6.87 -1.74
C SER B 279 -2.89 -6.63 -0.26
N PHE B 280 -4.11 -6.59 0.27
CA PHE B 280 -4.28 -6.35 1.70
C PHE B 280 -3.52 -7.25 2.67
N PRO B 281 -3.53 -8.58 2.43
CA PRO B 281 -2.82 -9.52 3.32
C PRO B 281 -1.44 -9.02 3.78
N ALA B 282 -0.75 -8.30 2.92
CA ALA B 282 0.57 -7.78 3.29
C ALA B 282 0.46 -6.75 4.42
N ILE B 283 -0.58 -5.92 4.37
CA ILE B 283 -0.77 -4.91 5.41
C ILE B 283 -0.93 -5.61 6.76
N GLN B 284 -1.70 -6.69 6.79
CA GLN B 284 -1.92 -7.40 8.03
C GLN B 284 -0.71 -8.18 8.52
N ALA B 285 0.11 -8.64 7.58
CA ALA B 285 1.30 -9.41 7.90
C ALA B 285 2.42 -8.54 8.44
N ALA B 286 2.59 -7.37 7.82
CA ALA B 286 3.63 -6.41 8.17
C ALA B 286 3.87 -6.14 9.66
N PRO B 287 2.81 -6.03 10.46
CA PRO B 287 3.10 -5.75 11.87
C PRO B 287 3.76 -6.89 12.64
N SER B 288 4.02 -8.00 11.97
CA SER B 288 4.64 -9.14 12.63
C SER B 288 6.14 -8.90 12.78
N PHE B 289 6.65 -7.90 12.08
CA PHE B 289 8.08 -7.60 12.10
C PHE B 289 8.39 -6.32 12.87
N SER B 290 9.11 -6.47 13.98
CA SER B 290 9.45 -5.34 14.83
C SER B 290 9.94 -4.04 14.20
N ASN B 291 10.62 -4.08 13.07
CA ASN B 291 11.08 -2.80 12.52
C ASN B 291 10.01 -2.04 11.75
N SER B 292 8.76 -2.47 11.90
CA SER B 292 7.63 -1.78 11.27
C SER B 292 7.20 -0.69 12.25
N PHE B 293 7.74 -0.76 13.46
CA PHE B 293 7.43 0.19 14.52
C PHE B 293 8.70 0.84 15.07
N PRO B 294 9.37 1.66 14.25
CA PRO B 294 10.61 2.34 14.65
C PRO B 294 10.48 3.07 15.97
N GLN B 295 9.37 3.74 16.19
CA GLN B 295 9.18 4.47 17.43
C GLN B 295 9.15 3.56 18.66
N ILE B 296 9.01 2.24 18.45
CA ILE B 296 8.96 1.30 19.56
C ILE B 296 10.21 0.42 19.63
N PHE B 297 10.63 -0.11 18.48
CA PHE B 297 11.80 -0.99 18.42
C PHE B 297 13.00 -0.41 17.66
N ARG B 298 12.84 0.82 17.17
CA ARG B 298 13.88 1.53 16.43
C ARG B 298 14.90 0.67 15.67
N ASP B 299 14.61 0.40 14.40
CA ASP B 299 15.49 -0.38 13.53
C ASP B 299 15.79 -1.82 13.95
N ARG B 300 15.66 -2.11 15.24
CA ARG B 300 15.90 -3.46 15.74
C ARG B 300 15.01 -4.41 14.91
N THR B 301 15.54 -5.54 14.48
CA THR B 301 14.79 -6.46 13.62
C THR B 301 14.66 -7.93 14.09
N ASP B 302 15.03 -8.21 15.32
CA ASP B 302 14.98 -9.58 15.81
C ASP B 302 13.93 -9.92 16.85
N ILE B 303 13.31 -8.91 17.46
CA ILE B 303 12.31 -9.19 18.49
C ILE B 303 11.25 -10.20 18.05
N GLN B 304 11.14 -11.26 18.84
CA GLN B 304 10.16 -12.33 18.61
C GLN B 304 8.77 -11.73 18.71
N CYS B 305 7.88 -12.11 17.81
CA CYS B 305 6.52 -11.61 17.85
C CYS B 305 5.56 -12.77 18.17
N LEU B 306 4.59 -12.50 19.05
CA LEU B 306 3.59 -13.50 19.43
C LEU B 306 2.22 -12.94 19.05
N ILE B 307 1.50 -13.68 18.21
CA ILE B 307 0.18 -13.23 17.76
C ILE B 307 -1.02 -14.03 18.29
N PRO B 308 -1.71 -13.50 19.31
CA PRO B 308 -2.87 -14.25 19.80
C PRO B 308 -4.07 -13.81 18.95
N CYS B 309 -4.81 -14.78 18.41
CA CYS B 309 -5.94 -14.45 17.55
C CYS B 309 -6.96 -15.58 17.37
N ALA B 310 -8.14 -15.23 16.89
CA ALA B 310 -9.17 -16.22 16.64
C ALA B 310 -8.64 -17.07 15.50
N ILE B 311 -8.94 -18.36 15.57
CA ILE B 311 -8.48 -19.30 14.56
C ILE B 311 -8.70 -18.83 13.10
N ASP B 312 -9.76 -18.07 12.83
CA ASP B 312 -10.02 -17.65 11.45
C ASP B 312 -9.01 -16.63 10.87
N GLN B 313 -8.05 -16.19 11.68
CA GLN B 313 -7.05 -15.24 11.21
C GLN B 313 -5.77 -15.94 10.78
N ASP B 314 -5.64 -17.20 11.17
CA ASP B 314 -4.46 -17.98 10.86
C ASP B 314 -3.95 -17.88 9.42
N PRO B 315 -4.82 -18.07 8.42
CA PRO B 315 -4.31 -17.97 7.05
C PRO B 315 -3.39 -16.77 6.78
N TYR B 316 -3.70 -15.62 7.35
CA TYR B 316 -2.84 -14.44 7.15
C TYR B 316 -1.42 -14.67 7.66
N PHE B 317 -1.31 -15.28 8.84
CA PHE B 317 0.00 -15.49 9.43
C PHE B 317 0.67 -16.80 9.01
N ARG B 318 -0.09 -17.66 8.36
CA ARG B 318 0.47 -18.91 7.86
C ARG B 318 1.28 -18.39 6.68
N MET B 319 0.69 -17.42 5.98
CA MET B 319 1.32 -16.78 4.83
C MET B 319 2.52 -15.95 5.31
N THR B 320 2.33 -15.21 6.39
CA THR B 320 3.40 -14.39 6.94
C THR B 320 4.62 -15.21 7.32
N ARG B 321 4.39 -16.35 7.97
CA ARG B 321 5.48 -17.21 8.36
C ARG B 321 6.29 -17.72 7.16
N ASP B 322 5.63 -17.95 6.02
CA ASP B 322 6.38 -18.40 4.85
C ASP B 322 7.28 -17.32 4.29
N VAL B 323 6.81 -16.08 4.31
CA VAL B 323 7.63 -15.00 3.76
C VAL B 323 8.72 -14.52 4.72
N ALA B 324 8.45 -14.57 6.02
CA ALA B 324 9.42 -14.08 7.01
C ALA B 324 10.87 -14.45 6.67
N PRO B 325 11.18 -15.76 6.58
CA PRO B 325 12.56 -16.13 6.27
C PRO B 325 12.99 -15.55 4.93
N ARG B 326 12.12 -15.67 3.92
CA ARG B 326 12.44 -15.16 2.60
C ARG B 326 12.84 -13.68 2.58
N ILE B 327 12.58 -12.94 3.66
CA ILE B 327 12.95 -11.53 3.71
C ILE B 327 13.77 -11.19 4.93
N GLY B 328 14.51 -12.18 5.42
CA GLY B 328 15.39 -12.00 6.57
C GLY B 328 14.79 -11.67 7.91
N TYR B 329 13.53 -12.03 8.12
CA TYR B 329 12.89 -11.77 9.39
C TYR B 329 12.48 -13.05 10.07
N PRO B 330 12.28 -13.02 11.40
CA PRO B 330 11.87 -14.21 12.14
C PRO B 330 10.37 -14.47 11.98
N LYS B 331 10.00 -15.73 12.01
CA LYS B 331 8.59 -16.12 11.89
C LYS B 331 7.86 -15.76 13.17
N PRO B 332 6.65 -15.19 13.05
CA PRO B 332 5.90 -14.83 14.25
C PRO B 332 5.27 -16.10 14.83
N ALA B 333 5.09 -16.14 16.14
CA ALA B 333 4.47 -17.29 16.80
C ALA B 333 2.97 -17.01 16.93
N LEU B 334 2.17 -18.08 17.00
CA LEU B 334 0.72 -17.91 17.12
C LEU B 334 0.08 -18.63 18.31
N LEU B 335 -1.04 -18.08 18.77
CA LEU B 335 -1.83 -18.67 19.85
C LEU B 335 -3.28 -18.52 19.38
N HIS B 336 -3.87 -19.63 18.94
CA HIS B 336 -5.24 -19.65 18.41
C HIS B 336 -6.32 -19.83 19.45
N SER B 337 -7.49 -19.24 19.18
CA SER B 337 -8.62 -19.38 20.07
C SER B 337 -9.78 -19.94 19.23
N THR B 338 -10.68 -20.66 19.88
CA THR B 338 -11.83 -21.23 19.20
C THR B 338 -12.84 -20.11 18.95
N PHE B 339 -13.85 -20.40 18.13
CA PHE B 339 -14.88 -19.41 17.82
C PHE B 339 -15.83 -19.24 19.01
N PHE B 340 -16.29 -18.02 19.25
CA PHE B 340 -17.25 -17.81 20.31
C PHE B 340 -18.58 -18.17 19.63
N PRO B 341 -19.30 -19.15 20.18
CA PRO B 341 -20.59 -19.62 19.63
C PRO B 341 -21.66 -18.57 19.45
N ALA B 342 -22.41 -18.74 18.38
CA ALA B 342 -23.52 -17.85 18.09
C ALA B 342 -24.62 -18.34 19.02
N LEU B 343 -25.57 -17.47 19.35
CA LEU B 343 -26.67 -17.83 20.23
C LEU B 343 -27.46 -19.04 19.72
N GLN B 344 -27.65 -19.13 18.41
CA GLN B 344 -28.42 -20.19 17.79
C GLN B 344 -27.80 -21.58 17.93
N GLY B 345 -26.48 -21.63 18.07
CA GLY B 345 -25.82 -22.91 18.19
C GLY B 345 -24.35 -22.82 17.83
N ALA B 346 -23.55 -23.75 18.34
CA ALA B 346 -22.10 -23.77 18.12
C ALA B 346 -21.63 -24.02 16.70
N GLN B 347 -22.53 -24.24 15.75
CA GLN B 347 -22.09 -24.48 14.39
C GLN B 347 -21.77 -23.18 13.68
N THR B 348 -21.97 -22.06 14.37
CA THR B 348 -21.69 -20.74 13.80
C THR B 348 -21.05 -19.85 14.86
N LYS B 349 -20.15 -18.98 14.43
CA LYS B 349 -19.51 -18.05 15.35
C LYS B 349 -20.45 -16.87 15.47
N MET B 350 -20.42 -16.20 16.62
CA MET B 350 -21.25 -15.04 16.81
C MET B 350 -20.83 -13.99 15.76
N SER B 351 -21.79 -13.54 14.97
CA SER B 351 -21.49 -12.57 13.92
C SER B 351 -22.36 -11.33 14.02
N ALA B 352 -21.72 -10.17 14.15
CA ALA B 352 -22.44 -8.90 14.24
C ALA B 352 -23.37 -8.76 13.03
N SER B 353 -23.06 -9.48 11.95
CA SER B 353 -23.86 -9.47 10.72
C SER B 353 -25.28 -9.82 11.12
N ASP B 354 -25.42 -10.95 11.81
CA ASP B 354 -26.72 -11.38 12.30
C ASP B 354 -26.79 -11.01 13.78
N PRO B 355 -27.34 -9.82 14.10
CA PRO B 355 -27.48 -9.31 15.47
C PRO B 355 -28.33 -10.21 16.36
N ASN B 356 -29.02 -11.15 15.72
CA ASN B 356 -29.88 -12.09 16.43
C ASN B 356 -29.02 -13.15 17.13
N SER B 357 -27.79 -13.32 16.63
CA SER B 357 -26.85 -14.30 17.18
C SER B 357 -25.86 -13.66 18.14
N SER B 358 -25.91 -12.34 18.25
CA SER B 358 -24.97 -11.62 19.09
C SER B 358 -25.53 -10.98 20.35
N ILE B 359 -24.63 -10.69 21.28
CA ILE B 359 -24.94 -10.00 22.51
C ILE B 359 -23.92 -8.86 22.46
N PHE B 360 -24.36 -7.69 22.03
CA PHE B 360 -23.47 -6.53 21.88
C PHE B 360 -23.04 -5.91 23.19
N LEU B 361 -21.83 -5.37 23.19
CA LEU B 361 -21.25 -4.73 24.38
C LEU B 361 -22.01 -3.49 24.72
N THR B 362 -23.02 -3.20 23.92
CA THR B 362 -23.81 -2.01 24.15
C THR B 362 -25.27 -2.37 24.47
N ASP B 363 -25.54 -3.67 24.62
CA ASP B 363 -26.89 -4.15 24.95
C ASP B 363 -27.25 -3.83 26.40
N THR B 364 -28.52 -3.57 26.65
CA THR B 364 -28.98 -3.26 28.00
C THR B 364 -29.17 -4.55 28.82
N ALA B 365 -29.14 -4.41 30.14
CA ALA B 365 -29.33 -5.57 31.02
C ALA B 365 -30.57 -6.36 30.56
N LYS B 366 -31.64 -5.64 30.24
CA LYS B 366 -32.88 -6.27 29.79
C LYS B 366 -32.65 -7.04 28.51
N GLN B 367 -32.07 -6.38 27.51
CA GLN B 367 -31.80 -7.02 26.23
C GLN B 367 -30.96 -8.30 26.37
N ILE B 368 -29.96 -8.27 27.26
CA ILE B 368 -29.08 -9.41 27.49
C ILE B 368 -29.89 -10.59 28.02
N LYS B 369 -30.72 -10.30 29.02
CA LYS B 369 -31.57 -11.32 29.61
C LYS B 369 -32.49 -11.95 28.56
N THR B 370 -33.20 -11.12 27.80
CA THR B 370 -34.10 -11.67 26.81
C THR B 370 -33.41 -12.36 25.63
N LYS B 371 -32.18 -11.96 25.33
CA LYS B 371 -31.47 -12.61 24.23
C LYS B 371 -31.07 -14.02 24.69
N VAL B 372 -30.60 -14.12 25.93
CA VAL B 372 -30.20 -15.42 26.47
C VAL B 372 -31.41 -16.33 26.56
N ASN B 373 -32.43 -15.84 27.28
CA ASN B 373 -33.66 -16.61 27.47
C ASN B 373 -34.36 -17.00 26.17
N LYS B 374 -34.49 -16.07 25.24
CA LYS B 374 -35.17 -16.37 23.98
C LYS B 374 -34.33 -17.01 22.89
N HIS B 375 -33.02 -16.75 22.87
CA HIS B 375 -32.20 -17.30 21.80
C HIS B 375 -31.09 -18.28 22.10
N ALA B 376 -30.62 -18.36 23.33
CA ALA B 376 -29.56 -19.32 23.63
C ALA B 376 -30.06 -20.75 23.42
N PHE B 377 -29.46 -21.44 22.45
CA PHE B 377 -29.82 -22.82 22.16
C PHE B 377 -29.60 -23.66 23.41
N SER B 378 -30.54 -24.56 23.67
CA SER B 378 -30.49 -25.40 24.86
C SER B 378 -30.15 -26.87 24.61
N GLY B 379 -29.30 -27.39 25.48
CA GLY B 379 -28.89 -28.79 25.39
C GLY B 379 -29.75 -29.55 26.36
N GLY B 380 -30.66 -28.82 27.00
CA GLY B 380 -31.57 -29.43 27.95
C GLY B 380 -32.66 -30.17 27.23
N ARG B 381 -33.56 -30.81 27.99
CA ARG B 381 -34.67 -31.56 27.42
C ARG B 381 -35.86 -30.64 27.17
N ASP B 382 -36.76 -31.10 26.31
CA ASP B 382 -37.96 -30.34 25.93
C ASP B 382 -38.88 -29.95 27.07
N THR B 383 -39.21 -30.89 27.93
CA THR B 383 -40.08 -30.58 29.07
C THR B 383 -39.20 -30.66 30.30
N ILE B 384 -39.59 -29.96 31.37
CA ILE B 384 -38.77 -30.01 32.58
C ILE B 384 -38.78 -31.39 33.23
N GLU B 385 -39.85 -32.15 33.01
CA GLU B 385 -39.94 -33.50 33.56
C GLU B 385 -38.83 -34.33 32.95
N GLU B 386 -38.73 -34.31 31.63
CA GLU B 386 -37.69 -35.07 30.95
C GLU B 386 -36.32 -34.55 31.35
N HIS B 387 -36.23 -33.27 31.67
CA HIS B 387 -34.92 -32.74 32.06
C HIS B 387 -34.52 -33.32 33.41
N ARG B 388 -35.45 -33.32 34.36
CA ARG B 388 -35.16 -33.86 35.66
C ARG B 388 -34.79 -35.33 35.54
N GLN B 389 -35.43 -36.03 34.62
CA GLN B 389 -35.17 -37.45 34.45
C GLN B 389 -33.90 -37.82 33.70
N PHE B 390 -33.65 -37.19 32.56
CA PHE B 390 -32.47 -37.56 31.79
C PHE B 390 -31.29 -36.60 31.88
N GLY B 391 -31.53 -35.37 32.33
CA GLY B 391 -30.46 -34.41 32.44
C GLY B 391 -30.11 -33.74 31.13
N GLY B 392 -29.36 -32.64 31.22
CA GLY B 392 -28.97 -31.90 30.03
C GLY B 392 -27.63 -32.26 29.42
N ASN B 393 -27.42 -31.81 28.19
CA ASN B 393 -26.17 -32.06 27.47
C ASN B 393 -25.37 -30.77 27.33
N CYS B 394 -24.33 -30.63 28.15
CA CYS B 394 -23.48 -29.46 28.12
C CYS B 394 -22.71 -29.31 26.82
N ASP B 395 -22.44 -30.41 26.15
CA ASP B 395 -21.67 -30.33 24.92
C ASP B 395 -22.30 -29.55 23.79
N VAL B 396 -23.60 -29.31 23.86
CA VAL B 396 -24.24 -28.57 22.79
C VAL B 396 -25.02 -27.37 23.32
N ASP B 397 -25.01 -27.19 24.63
CA ASP B 397 -25.74 -26.07 25.20
C ASP B 397 -24.91 -24.78 25.17
N VAL B 398 -25.39 -23.83 24.37
CA VAL B 398 -24.73 -22.55 24.19
C VAL B 398 -24.57 -21.77 25.48
N SER B 399 -25.59 -21.76 26.32
CA SER B 399 -25.51 -21.04 27.58
C SER B 399 -24.36 -21.58 28.42
N PHE B 400 -24.18 -22.89 28.42
CA PHE B 400 -23.09 -23.46 29.21
C PHE B 400 -21.74 -23.11 28.59
N MET B 401 -21.68 -23.10 27.26
CA MET B 401 -20.44 -22.76 26.58
C MET B 401 -19.99 -21.35 26.94
N TYR B 402 -20.94 -20.43 27.04
CA TYR B 402 -20.62 -19.04 27.39
C TYR B 402 -20.03 -18.98 28.79
N LEU B 403 -20.53 -19.84 29.68
CA LEU B 403 -20.01 -19.87 31.04
C LEU B 403 -18.55 -20.30 30.98
N THR B 404 -18.27 -21.23 30.09
CA THR B 404 -16.92 -21.72 29.91
C THR B 404 -15.95 -20.57 29.62
N PHE B 405 -16.43 -19.55 28.91
CA PHE B 405 -15.59 -18.40 28.58
C PHE B 405 -15.56 -17.33 29.66
N PHE B 406 -16.68 -17.15 30.36
CA PHE B 406 -16.76 -16.08 31.34
C PHE B 406 -16.88 -16.36 32.82
N LEU B 407 -17.08 -17.62 33.20
CA LEU B 407 -17.17 -17.94 34.63
C LEU B 407 -15.75 -18.28 35.09
N GLU B 408 -15.13 -17.35 35.78
CA GLU B 408 -13.76 -17.51 36.25
C GLU B 408 -13.57 -18.78 37.10
N ASP B 409 -14.33 -18.85 38.20
CA ASP B 409 -14.28 -19.96 39.15
C ASP B 409 -14.42 -21.36 38.54
N ASP B 410 -13.37 -22.17 38.65
CA ASP B 410 -13.40 -23.52 38.11
C ASP B 410 -14.36 -24.43 38.84
N ASP B 411 -14.39 -24.33 40.17
CA ASP B 411 -15.26 -25.15 40.97
C ASP B 411 -16.72 -24.86 40.68
N LYS B 412 -17.11 -23.59 40.74
CA LYS B 412 -18.49 -23.22 40.47
C LYS B 412 -18.98 -23.70 39.10
N LEU B 413 -18.11 -23.63 38.10
CA LEU B 413 -18.47 -24.07 36.76
C LEU B 413 -18.76 -25.58 36.77
N GLU B 414 -17.89 -26.32 37.44
CA GLU B 414 -18.01 -27.77 37.55
C GLU B 414 -19.33 -28.19 38.18
N GLN B 415 -19.72 -27.52 39.26
CA GLN B 415 -20.99 -27.83 39.91
C GLN B 415 -22.06 -27.71 38.85
N ILE B 416 -22.11 -26.53 38.22
CA ILE B 416 -23.09 -26.27 37.18
C ILE B 416 -23.05 -27.37 36.12
N ARG B 417 -21.86 -27.72 35.63
CA ARG B 417 -21.80 -28.77 34.63
C ARG B 417 -22.48 -30.04 35.15
N LYS B 418 -22.05 -30.49 36.31
CA LYS B 418 -22.61 -31.71 36.90
C LYS B 418 -24.11 -31.61 37.16
N ASP B 419 -24.54 -30.50 37.75
CA ASP B 419 -25.95 -30.33 38.05
C ASP B 419 -26.82 -30.25 36.80
N TYR B 420 -26.29 -29.66 35.73
CA TYR B 420 -27.07 -29.57 34.51
C TYR B 420 -27.15 -30.97 33.90
N THR B 421 -26.03 -31.68 33.92
CA THR B 421 -26.00 -33.04 33.36
C THR B 421 -26.90 -34.02 34.13
N SER B 422 -26.98 -33.87 35.44
CA SER B 422 -27.81 -34.75 36.27
C SER B 422 -29.27 -34.32 36.28
N GLY B 423 -29.56 -33.17 35.70
CA GLY B 423 -30.94 -32.69 35.68
C GLY B 423 -31.29 -31.92 36.94
N ALA B 424 -30.35 -31.85 37.88
CA ALA B 424 -30.59 -31.11 39.12
C ALA B 424 -30.78 -29.63 38.82
N MET B 425 -30.28 -29.20 37.67
CA MET B 425 -30.41 -27.81 37.26
C MET B 425 -31.18 -27.77 35.93
N LEU B 426 -32.23 -26.96 35.88
CA LEU B 426 -33.05 -26.81 34.69
C LEU B 426 -32.38 -25.82 33.74
N THR B 427 -32.66 -25.89 32.45
CA THR B 427 -32.02 -24.97 31.53
C THR B 427 -32.42 -23.55 31.94
N GLY B 428 -33.63 -23.40 32.47
CA GLY B 428 -34.07 -22.10 32.90
C GLY B 428 -33.13 -21.51 33.95
N GLU B 429 -32.67 -22.35 34.87
CA GLU B 429 -31.76 -21.91 35.94
C GLU B 429 -30.35 -21.73 35.39
N LEU B 430 -30.00 -22.52 34.38
CA LEU B 430 -28.69 -22.41 33.76
C LEU B 430 -28.69 -21.03 33.11
N LYS B 431 -29.70 -20.78 32.29
CA LYS B 431 -29.88 -19.50 31.60
C LYS B 431 -29.69 -18.36 32.61
N LYS B 432 -30.46 -18.43 33.70
CA LYS B 432 -30.44 -17.45 34.76
C LYS B 432 -29.01 -17.20 35.27
N ALA B 433 -28.27 -18.29 35.47
CA ALA B 433 -26.90 -18.21 35.96
C ALA B 433 -26.03 -17.44 34.96
N LEU B 434 -26.17 -17.77 33.67
CA LEU B 434 -25.40 -17.09 32.63
C LEU B 434 -25.70 -15.60 32.62
N ILE B 435 -26.98 -15.26 32.65
CA ILE B 435 -27.39 -13.86 32.64
C ILE B 435 -26.80 -13.09 33.82
N GLU B 436 -26.58 -13.79 34.94
CA GLU B 436 -26.01 -13.15 36.13
C GLU B 436 -24.50 -12.91 35.97
N VAL B 437 -23.92 -13.57 34.99
CA VAL B 437 -22.49 -13.42 34.70
C VAL B 437 -22.30 -12.34 33.64
N LEU B 438 -23.07 -12.41 32.56
CA LEU B 438 -22.95 -11.42 31.47
C LEU B 438 -23.39 -10.00 31.82
N GLN B 439 -24.49 -9.85 32.53
CA GLN B 439 -24.98 -8.51 32.86
C GLN B 439 -23.92 -7.66 33.54
N PRO B 440 -23.21 -8.25 34.51
CA PRO B 440 -22.19 -7.44 35.16
C PRO B 440 -20.95 -7.30 34.24
N LEU B 441 -20.62 -8.36 33.50
CA LEU B 441 -19.49 -8.33 32.57
C LEU B 441 -19.63 -7.12 31.63
N ILE B 442 -20.76 -7.07 30.93
CA ILE B 442 -21.06 -6.02 29.99
C ILE B 442 -21.28 -4.64 30.61
N ALA B 443 -21.90 -4.59 31.78
CA ALA B 443 -22.13 -3.31 32.43
C ALA B 443 -20.79 -2.76 32.89
N GLU B 444 -19.90 -3.65 33.33
CA GLU B 444 -18.57 -3.26 33.80
C GLU B 444 -17.81 -2.67 32.62
N HIS B 445 -17.87 -3.36 31.49
CA HIS B 445 -17.20 -2.93 30.27
C HIS B 445 -17.69 -1.57 29.81
N GLN B 446 -19.00 -1.33 29.89
CA GLN B 446 -19.53 -0.03 29.49
C GLN B 446 -18.99 1.06 30.41
N ALA B 447 -18.87 0.73 31.69
CA ALA B 447 -18.36 1.67 32.67
C ALA B 447 -16.91 2.01 32.35
N ARG B 448 -16.12 0.99 32.01
CA ARG B 448 -14.71 1.21 31.68
C ARG B 448 -14.62 2.06 30.40
N ARG B 449 -15.40 1.70 29.39
CA ARG B 449 -15.40 2.43 28.12
C ARG B 449 -15.72 3.91 28.29
N LYS B 450 -16.68 4.22 29.15
CA LYS B 450 -17.06 5.61 29.36
C LYS B 450 -15.91 6.42 29.92
N GLU B 451 -14.96 5.73 30.56
CA GLU B 451 -13.80 6.33 31.18
C GLU B 451 -12.71 6.82 30.22
N VAL B 452 -12.57 6.14 29.08
CA VAL B 452 -11.56 6.54 28.13
C VAL B 452 -11.97 7.79 27.35
N THR B 453 -11.32 8.89 27.73
CA THR B 453 -11.54 10.21 27.15
C THR B 453 -10.79 10.39 25.83
N ASP B 454 -11.14 11.45 25.10
CA ASP B 454 -10.51 11.75 23.83
C ASP B 454 -9.00 11.78 23.97
N GLU B 455 -8.52 12.41 25.05
CA GLU B 455 -7.09 12.49 25.31
C GLU B 455 -6.47 11.10 25.47
N ILE B 456 -7.17 10.22 26.18
CA ILE B 456 -6.64 8.88 26.40
C ILE B 456 -6.55 8.10 25.08
N VAL B 457 -7.61 8.14 24.28
CA VAL B 457 -7.60 7.37 23.02
C VAL B 457 -6.48 7.87 22.14
N LYS B 458 -6.36 9.18 22.08
CA LYS B 458 -5.36 9.82 21.25
C LYS B 458 -3.95 9.35 21.64
N GLU B 459 -3.69 9.23 22.94
CA GLU B 459 -2.37 8.78 23.37
C GLU B 459 -2.14 7.34 22.95
N PHE B 460 -3.09 6.46 23.24
CA PHE B 460 -2.94 5.06 22.87
C PHE B 460 -2.62 4.94 21.39
N MET B 461 -3.22 5.83 20.60
CA MET B 461 -3.05 5.80 19.15
C MET B 461 -1.94 6.69 18.60
N THR B 462 -1.06 7.16 19.46
CA THR B 462 0.03 7.99 19.02
C THR B 462 1.28 7.14 18.98
N PRO B 463 1.95 7.07 17.82
CA PRO B 463 3.16 6.25 17.86
C PRO B 463 4.15 6.88 18.84
N ARG B 464 4.76 6.07 19.69
CA ARG B 464 5.73 6.59 20.65
C ARG B 464 6.47 5.47 21.38
N LYS B 465 7.57 5.82 22.05
CA LYS B 465 8.35 4.84 22.80
C LYS B 465 7.47 4.25 23.90
N LEU B 466 7.48 2.93 24.04
CA LEU B 466 6.65 2.29 25.04
C LEU B 466 7.42 1.94 26.30
N SER B 467 7.88 2.95 27.03
CA SER B 467 8.65 2.75 28.26
C SER B 467 9.22 1.32 28.38
N PHE B 468 9.86 0.86 27.31
CA PHE B 468 10.48 -0.45 27.23
C PHE B 468 11.83 -0.31 26.54
N ASP B 469 12.90 -0.55 27.30
CA ASP B 469 14.26 -0.43 26.79
C ASP B 469 14.75 -1.70 26.11
N PHE B 470 15.20 -1.56 24.87
CA PHE B 470 15.73 -2.68 24.10
C PHE B 470 17.20 -2.45 23.81
N GLN B 471 17.99 -3.53 23.79
CA GLN B 471 19.42 -3.42 23.53
C GLN B 471 19.69 -3.12 22.06
N HIS B 472 19.38 -1.89 21.64
CA HIS B 472 19.56 -1.46 20.26
C HIS B 472 21.02 -1.57 19.81
N TRP C . 6.50 4.38 -14.16
CA TRP C . 7.32 5.28 -14.98
C TRP C . 8.59 4.55 -15.42
O TRP C . 8.82 3.37 -15.09
CB TRP C . 7.73 6.49 -14.11
CG TRP C . 6.55 7.38 -13.63
CD1 TRP C . 5.92 7.36 -12.45
CD2 TRP C . 5.95 8.36 -14.41
NE1 TRP C . 4.95 8.30 -12.44
CE2 TRP C . 4.92 8.94 -13.59
CE3 TRP C . 6.19 8.85 -15.74
CZ2 TRP C . 4.12 10.00 -14.12
CZ3 TRP C . 5.37 9.92 -16.27
CH2 TRP C . 4.34 10.50 -15.45
OXT TRP C . 9.43 5.16 -16.15
N TRP D . -8.16 -8.74 9.88
CA TRP D . -8.75 -9.01 11.20
C TRP D . -10.25 -8.81 11.14
O TRP D . -10.83 -8.48 10.09
CB TRP D . -8.17 -8.00 12.21
CG TRP D . -6.64 -8.13 12.42
CD1 TRP D . -5.64 -7.45 11.83
CD2 TRP D . -6.06 -9.03 13.30
NE1 TRP D . -4.46 -7.87 12.30
CE2 TRP D . -4.65 -8.83 13.21
CE3 TRP D . -6.61 -10.00 14.21
CZ2 TRP D . -3.76 -9.61 14.01
CZ3 TRP D . -5.71 -10.79 15.02
CH2 TRP D . -4.29 -10.60 14.93
OXT TRP D . -10.95 -9.00 12.17
#